data_8GHP
#
_entry.id   8GHP
#
_cell.length_a   199.629
_cell.length_b   199.629
_cell.length_c   123.267
_cell.angle_alpha   90.00
_cell.angle_beta   90.00
_cell.angle_gamma   120.00
#
_symmetry.space_group_name_H-M   'H 3'
#
loop_
_entity.id
_entity.type
_entity.pdbx_description
1 polymer 'Guanylyl cyclase C'
2 polymer 'anti-GUCY2C-scFv antibody heavy chain'
3 polymer 'anti-GUCY2C-scFv antibody light chain'
4 branched 2-acetamido-2-deoxy-beta-D-glucopyranose-(1-4)-2-acetamido-2-deoxy-beta-D-glucopyranose-(1-4)-2-acetamido-2-deoxy-beta-D-glucopyranose
#
loop_
_entity_poly.entity_id
_entity_poly.type
_entity_poly.pdbx_seq_one_letter_code
_entity_poly.pdbx_strand_id
1 'polypeptide(L)'
;STGSQVSQNCHNGSYEISVLMMGNSAFAEPLKNLEDAVNEGLEIVRGRLQNAGLNVTVNATFMYSDGLIHNSGDCRSSTC
EGLDLLRKISNAQRMGCVLIGPSCTYSTFQMYLDTELSYPMISAGSFGLSCDYKETLTRLMSPARKLMYFLVNFWKTNDL
PFKTYSWSTSYVYKNGTETEDCFWYLNALEASVSYFSHELGFKVVLRQDKEFQDILMDHNRKSNVIIMCGGPEFLYKLKG
DRAVAEDIVIILVDLFNDQYFEDNVTAPDYMKNVLVLTLSPGNSLLNSSFSRNLSPTKRDFALAYLNGILLFGHMLKIFL
ENGENITTPKFAHAFRNLTFEGYDGPVTLDDWGDVDSTMVLLYTSVDTKKYKVLLTYDTHVNKTYPVDMSPTFTWKNSKL
PNDITGRGPQGGGGSENLYFQ
;
A
2 'polypeptide(L)'
;EVQLVESGGGLVQPGGSLRLSCAASGFTFSSYWMHWVRQAPGKGLEWIGEIKPSNELTNVHEKFKDRFTISVDKAKNSAY
LQMNSLRAEDTAVYYCTRTITTTEGYWFFDVWGQGTLVTVSS
;
H
3 'polypeptide(L)'
;DIQLTQSPSSLSASVGDRVTITCRASESVDYYGSSLLQWYQQKPGKAPKLLIYAASKLASGVPSRFSGSGSGTDFTLTIS
SLQPEDFATYYCQQTRKAYTFGQGTKLEIKTGSENLYFQ
;
L
#
# COMPACT_ATOMS: atom_id res chain seq x y z
N SER A 7 6.38 -19.04 -1.92
CA SER A 7 7.27 -20.16 -2.23
C SER A 7 6.77 -20.95 -3.46
N GLN A 8 6.35 -20.23 -4.51
CA GLN A 8 5.84 -20.86 -5.74
C GLN A 8 6.55 -20.38 -7.01
N ASN A 9 6.95 -19.10 -7.02
CA ASN A 9 7.60 -18.46 -8.18
C ASN A 9 9.09 -18.19 -7.99
N CYS A 10 9.68 -18.75 -6.92
CA CYS A 10 11.09 -18.59 -6.57
C CYS A 10 11.76 -19.92 -6.39
N HIS A 11 11.45 -20.85 -7.28
CA HIS A 11 12.03 -22.15 -7.12
C HIS A 11 13.10 -22.44 -8.16
N ASN A 12 13.51 -23.69 -8.22
CA ASN A 12 14.55 -24.23 -9.08
C ASN A 12 14.35 -23.84 -10.54
N GLY A 13 15.24 -22.96 -11.00
CA GLY A 13 15.27 -22.42 -12.36
C GLY A 13 14.00 -21.68 -12.75
N SER A 14 13.42 -20.94 -11.80
CA SER A 14 12.20 -20.15 -12.00
C SER A 14 12.27 -19.01 -11.03
N TYR A 15 12.74 -17.86 -11.50
CA TYR A 15 12.87 -16.71 -10.63
C TYR A 15 12.06 -15.56 -11.17
N GLU A 16 11.13 -15.07 -10.35
CA GLU A 16 10.22 -14.01 -10.74
C GLU A 16 10.43 -12.73 -9.98
N ILE A 17 10.37 -11.60 -10.69
CA ILE A 17 10.53 -10.26 -10.14
C ILE A 17 9.18 -9.54 -10.21
N SER A 18 8.67 -9.09 -9.05
CA SER A 18 7.41 -8.35 -8.98
C SER A 18 7.71 -6.86 -9.15
N VAL A 19 7.22 -6.26 -10.25
CA VAL A 19 7.46 -4.85 -10.56
C VAL A 19 6.16 -4.06 -10.41
N LEU A 20 6.12 -3.13 -9.43
CA LEU A 20 4.96 -2.28 -9.19
C LEU A 20 5.04 -1.07 -10.08
N MET A 21 4.05 -0.91 -10.96
CA MET A 21 3.99 0.23 -11.85
C MET A 21 2.77 1.05 -11.46
N MET A 22 2.95 1.93 -10.47
CA MET A 22 1.90 2.82 -9.99
C MET A 22 1.74 3.97 -10.99
N GLY A 23 1.09 5.05 -10.58
CA GLY A 23 0.89 6.19 -11.45
C GLY A 23 0.47 7.44 -10.71
N ASN A 24 0.35 8.56 -11.47
CA ASN A 24 -0.01 9.88 -10.96
C ASN A 24 0.76 10.27 -9.70
N SER A 25 2.05 9.89 -9.68
CA SER A 25 3.01 10.19 -8.64
C SER A 25 3.95 11.17 -9.34
N ALA A 26 5.24 11.22 -8.95
CA ALA A 26 6.22 12.04 -9.66
C ALA A 26 6.24 11.45 -11.06
N PHE A 27 6.41 10.11 -11.12
CA PHE A 27 6.47 9.32 -12.34
C PHE A 27 5.11 8.74 -12.79
N ALA A 28 4.44 9.49 -13.66
CA ALA A 28 3.22 9.08 -14.35
C ALA A 28 3.65 8.89 -15.80
N GLU A 29 4.99 9.03 -16.02
CA GLU A 29 5.61 8.89 -17.33
C GLU A 29 5.38 7.53 -17.91
N PRO A 30 5.23 7.45 -19.26
CA PRO A 30 4.90 6.17 -19.89
C PRO A 30 5.61 5.01 -19.23
N LEU A 31 4.81 4.18 -18.57
CA LEU A 31 5.28 3.01 -17.88
C LEU A 31 5.93 2.07 -18.89
N LYS A 32 5.69 2.32 -20.21
CA LYS A 32 6.33 1.60 -21.30
C LYS A 32 7.84 1.84 -21.21
N ASN A 33 8.27 3.11 -21.00
CA ASN A 33 9.68 3.45 -20.83
C ASN A 33 10.25 2.63 -19.70
N LEU A 34 9.59 2.71 -18.52
CA LEU A 34 9.95 1.96 -17.32
C LEU A 34 9.99 0.45 -17.58
N GLU A 35 9.03 -0.07 -18.37
CA GLU A 35 8.90 -1.46 -18.76
C GLU A 35 10.08 -1.85 -19.66
N ASP A 36 10.48 -0.95 -20.59
CA ASP A 36 11.60 -1.12 -21.51
C ASP A 36 12.92 -1.14 -20.75
N ALA A 37 13.02 -0.32 -19.67
CA ALA A 37 14.19 -0.24 -18.80
C ALA A 37 14.35 -1.56 -18.04
N VAL A 38 13.23 -2.10 -17.49
CA VAL A 38 13.19 -3.36 -16.75
C VAL A 38 13.60 -4.52 -17.67
N ASN A 39 13.04 -4.55 -18.90
CA ASN A 39 13.33 -5.57 -19.90
C ASN A 39 14.78 -5.55 -20.37
N GLU A 40 15.39 -4.35 -20.46
CA GLU A 40 16.81 -4.19 -20.83
C GLU A 40 17.69 -4.76 -19.72
N GLY A 41 17.28 -4.51 -18.47
CA GLY A 41 17.96 -5.00 -17.28
C GLY A 41 17.91 -6.51 -17.17
N LEU A 42 16.77 -7.11 -17.55
CA LEU A 42 16.54 -8.56 -17.55
C LEU A 42 17.48 -9.27 -18.53
N GLU A 43 17.67 -8.68 -19.73
CA GLU A 43 18.55 -9.20 -20.78
C GLU A 43 20.02 -9.22 -20.34
N ILE A 44 20.46 -8.20 -19.58
CA ILE A 44 21.82 -8.09 -19.05
C ILE A 44 22.00 -9.16 -17.96
N VAL A 45 21.00 -9.32 -17.07
CA VAL A 45 20.98 -10.31 -15.98
C VAL A 45 21.06 -11.73 -16.55
N ARG A 46 20.21 -12.04 -17.56
CA ARG A 46 20.17 -13.34 -18.25
C ARG A 46 21.54 -13.65 -18.87
N GLY A 47 22.15 -12.63 -19.47
CA GLY A 47 23.47 -12.72 -20.07
C GLY A 47 24.53 -12.97 -19.03
N ARG A 48 24.45 -12.26 -17.88
CA ARG A 48 25.36 -12.38 -16.74
C ARG A 48 25.33 -13.75 -16.10
N LEU A 49 24.14 -14.32 -15.93
CA LEU A 49 23.95 -15.64 -15.32
C LEU A 49 24.38 -16.78 -16.24
N GLN A 50 24.08 -16.68 -17.55
CA GLN A 50 24.47 -17.65 -18.58
C GLN A 50 26.01 -17.69 -18.66
N ASN A 51 26.64 -16.50 -18.53
CA ASN A 51 28.09 -16.34 -18.54
C ASN A 51 28.75 -16.92 -17.28
N ALA A 52 28.02 -16.90 -16.15
CA ALA A 52 28.48 -17.46 -14.88
C ALA A 52 28.32 -19.00 -14.89
N GLY A 53 27.71 -19.52 -15.95
CA GLY A 53 27.45 -20.95 -16.14
C GLY A 53 26.19 -21.42 -15.42
N LEU A 54 25.34 -20.46 -15.02
CA LEU A 54 24.10 -20.73 -14.30
C LEU A 54 22.92 -20.79 -15.26
N ASN A 55 22.38 -21.99 -15.47
CA ASN A 55 21.23 -22.20 -16.36
C ASN A 55 19.93 -21.97 -15.60
N VAL A 56 19.60 -20.70 -15.36
CA VAL A 56 18.38 -20.27 -14.65
C VAL A 56 17.56 -19.28 -15.49
N THR A 57 16.24 -19.29 -15.29
CA THR A 57 15.32 -18.39 -16.01
C THR A 57 14.87 -17.28 -15.08
N VAL A 58 14.95 -16.03 -15.56
CA VAL A 58 14.52 -14.86 -14.80
C VAL A 58 13.42 -14.15 -15.59
N ASN A 59 12.19 -14.22 -15.06
CA ASN A 59 11.00 -13.61 -15.65
C ASN A 59 10.43 -12.55 -14.73
N ALA A 60 9.65 -11.61 -15.29
CA ALA A 60 9.09 -10.54 -14.47
C ALA A 60 7.58 -10.39 -14.57
N THR A 61 6.92 -10.30 -13.39
CA THR A 61 5.48 -10.10 -13.28
C THR A 61 5.26 -8.60 -13.08
N PHE A 62 4.72 -7.93 -14.10
CA PHE A 62 4.45 -6.50 -14.06
C PHE A 62 3.12 -6.21 -13.37
N MET A 63 3.17 -6.05 -12.05
CA MET A 63 1.98 -5.75 -11.25
C MET A 63 1.64 -4.26 -11.35
N TYR A 64 1.00 -3.88 -12.47
CA TYR A 64 0.54 -2.51 -12.74
C TYR A 64 -0.52 -2.17 -11.70
N SER A 65 -0.46 -0.96 -11.13
CA SER A 65 -1.41 -0.57 -10.10
C SER A 65 -2.13 0.75 -10.40
N ASP A 66 -1.46 1.91 -10.17
CA ASP A 66 -2.01 3.27 -10.31
C ASP A 66 -3.35 3.35 -9.52
N GLY A 67 -3.28 2.89 -8.28
CA GLY A 67 -4.43 2.82 -7.39
C GLY A 67 -4.38 3.84 -6.27
N LEU A 68 -3.23 3.87 -5.53
CA LEU A 68 -2.98 4.73 -4.36
C LEU A 68 -4.11 4.59 -3.30
N ILE A 69 -4.65 3.35 -3.21
CA ILE A 69 -5.75 2.95 -2.34
C ILE A 69 -5.33 2.97 -0.86
N HIS A 70 -6.28 3.30 0.01
CA HIS A 70 -6.09 3.35 1.47
C HIS A 70 -5.95 1.91 1.99
N ASN A 71 -4.97 1.70 2.88
CA ASN A 71 -4.65 0.38 3.45
C ASN A 71 -5.67 -0.12 4.50
N SER A 72 -5.33 -1.23 5.21
CA SER A 72 -6.16 -1.88 6.24
C SER A 72 -6.41 -1.04 7.50
N GLY A 73 -5.65 0.06 7.67
CA GLY A 73 -5.78 0.99 8.80
C GLY A 73 -7.20 1.46 9.01
N ASP A 74 -7.91 1.77 7.91
CA ASP A 74 -9.31 2.20 7.93
C ASP A 74 -10.24 1.04 7.53
N CYS A 75 -11.01 0.51 8.50
CA CYS A 75 -11.96 -0.58 8.26
C CYS A 75 -13.37 -0.28 8.82
N ARG A 76 -14.28 0.15 7.91
CA ARG A 76 -15.69 0.50 8.19
C ARG A 76 -16.44 -0.64 8.88
N SER A 77 -16.18 -1.91 8.47
CA SER A 77 -16.81 -3.11 9.04
C SER A 77 -15.88 -4.36 9.06
N SER A 78 -16.45 -5.54 9.41
CA SER A 78 -15.78 -6.84 9.46
C SER A 78 -15.46 -7.30 8.05
N THR A 79 -16.44 -7.13 7.14
CA THR A 79 -16.42 -7.46 5.71
C THR A 79 -15.18 -6.82 5.07
N CYS A 80 -14.91 -5.54 5.41
CA CYS A 80 -13.75 -4.76 5.00
C CYS A 80 -12.46 -5.59 5.27
N GLU A 81 -12.29 -6.11 6.51
CA GLU A 81 -11.13 -6.91 6.95
C GLU A 81 -10.97 -8.18 6.13
N GLY A 82 -12.08 -8.93 5.98
CA GLY A 82 -12.14 -10.17 5.22
C GLY A 82 -11.77 -9.97 3.76
N LEU A 83 -12.28 -8.85 3.17
CA LEU A 83 -12.00 -8.45 1.79
C LEU A 83 -10.52 -8.09 1.64
N ASP A 84 -9.96 -7.37 2.63
CA ASP A 84 -8.55 -6.96 2.66
C ASP A 84 -7.64 -8.19 2.62
N LEU A 85 -7.95 -9.21 3.47
CA LEU A 85 -7.22 -10.47 3.57
C LEU A 85 -7.23 -11.29 2.27
N LEU A 86 -8.37 -11.25 1.52
CA LEU A 86 -8.51 -11.97 0.25
C LEU A 86 -7.70 -11.28 -0.88
N ARG A 87 -7.66 -9.94 -0.88
CA ARG A 87 -6.87 -9.16 -1.85
C ARG A 87 -5.37 -9.43 -1.57
N LYS A 88 -5.02 -9.60 -0.28
CA LYS A 88 -3.69 -9.89 0.23
C LYS A 88 -3.16 -11.26 -0.22
N ILE A 89 -3.96 -12.34 -0.05
CA ILE A 89 -3.57 -13.72 -0.41
C ILE A 89 -3.28 -13.86 -1.92
N SER A 90 -4.12 -13.21 -2.77
CA SER A 90 -3.99 -13.18 -4.23
C SER A 90 -2.64 -12.54 -4.62
N ASN A 91 -2.35 -11.37 -4.02
CA ASN A 91 -1.11 -10.60 -4.18
C ASN A 91 0.12 -11.36 -3.71
N ALA A 92 -0.02 -12.08 -2.59
CA ALA A 92 1.05 -12.87 -1.99
C ALA A 92 1.45 -14.07 -2.84
N GLN A 93 0.47 -14.74 -3.47
CA GLN A 93 0.71 -15.91 -4.32
C GLN A 93 1.39 -15.55 -5.64
N ARG A 94 1.04 -14.37 -6.19
CA ARG A 94 1.62 -13.88 -7.44
C ARG A 94 2.98 -13.22 -7.26
N MET A 95 3.23 -12.62 -6.07
CA MET A 95 4.48 -11.96 -5.72
C MET A 95 5.67 -12.92 -5.81
N GLY A 96 6.77 -12.43 -6.36
CA GLY A 96 7.97 -13.22 -6.57
C GLY A 96 9.07 -13.04 -5.54
N CYS A 97 10.32 -13.07 -6.02
CA CYS A 97 11.57 -13.01 -5.26
C CYS A 97 11.88 -11.64 -4.72
N VAL A 98 11.67 -10.61 -5.53
CA VAL A 98 11.95 -9.23 -5.17
C VAL A 98 10.82 -8.29 -5.65
N LEU A 99 10.55 -7.24 -4.88
CA LEU A 99 9.53 -6.26 -5.21
C LEU A 99 10.18 -4.92 -5.53
N ILE A 100 10.16 -4.54 -6.81
CA ILE A 100 10.72 -3.29 -7.30
C ILE A 100 9.55 -2.32 -7.46
N GLY A 101 9.56 -1.23 -6.71
CA GLY A 101 8.47 -0.27 -6.74
C GLY A 101 8.79 1.17 -6.42
N PRO A 102 7.75 2.04 -6.39
CA PRO A 102 7.98 3.47 -6.18
C PRO A 102 7.58 4.09 -4.82
N SER A 103 6.95 3.31 -3.91
CA SER A 103 6.58 3.88 -2.62
C SER A 103 7.19 3.09 -1.46
N CYS A 104 6.63 3.23 -0.24
CA CYS A 104 7.27 2.74 0.94
C CYS A 104 6.41 1.89 1.89
N THR A 105 5.34 2.50 2.46
CA THR A 105 4.59 2.01 3.61
C THR A 105 3.17 1.41 3.45
N TYR A 106 2.60 1.31 2.24
CA TYR A 106 1.27 0.69 2.07
C TYR A 106 1.49 -0.83 1.98
N SER A 107 2.75 -1.19 1.72
CA SER A 107 3.27 -2.53 1.58
C SER A 107 3.72 -3.03 2.95
N THR A 108 3.71 -2.16 4.00
CA THR A 108 4.22 -2.51 5.33
C THR A 108 3.20 -3.21 6.26
N PHE A 109 1.87 -3.17 5.97
CA PHE A 109 0.91 -3.95 6.76
C PHE A 109 1.00 -5.38 6.24
N GLN A 110 1.29 -5.48 4.94
CA GLN A 110 1.47 -6.71 4.18
C GLN A 110 2.97 -7.08 4.06
N MET A 111 3.86 -6.32 4.76
CA MET A 111 5.28 -6.63 4.77
C MET A 111 5.43 -7.73 5.80
N TYR A 112 4.55 -7.66 6.84
CA TYR A 112 4.50 -8.59 7.95
C TYR A 112 3.60 -9.79 7.68
N LEU A 113 2.93 -9.84 6.50
CA LEU A 113 2.21 -11.03 6.08
C LEU A 113 3.34 -11.95 5.63
N ASP A 114 3.19 -13.28 5.80
CA ASP A 114 4.26 -14.25 5.54
C ASP A 114 5.01 -14.00 4.23
N THR A 115 4.29 -13.93 3.09
CA THR A 115 4.84 -13.70 1.73
C THR A 115 6.07 -14.62 1.53
N GLU A 116 7.28 -14.06 1.36
CA GLU A 116 8.54 -14.82 1.23
C GLU A 116 9.51 -14.27 2.27
N LEU A 117 9.09 -14.30 3.56
CA LEU A 117 9.84 -13.81 4.72
C LEU A 117 10.38 -12.40 4.50
N SER A 118 9.43 -11.43 4.48
CA SER A 118 9.61 -10.00 4.23
C SER A 118 10.29 -9.81 2.88
N TYR A 119 9.51 -9.96 1.80
CA TYR A 119 9.96 -9.82 0.42
C TYR A 119 10.98 -8.71 0.28
N PRO A 120 12.20 -9.07 -0.19
CA PRO A 120 13.23 -8.03 -0.40
C PRO A 120 12.63 -6.91 -1.24
N MET A 121 12.63 -5.70 -0.72
CA MET A 121 12.03 -4.59 -1.44
C MET A 121 13.07 -3.65 -1.93
N ILE A 122 12.99 -3.31 -3.22
CA ILE A 122 13.89 -2.34 -3.83
C ILE A 122 13.04 -1.22 -4.36
N SER A 123 13.20 -0.04 -3.77
CA SER A 123 12.45 1.13 -4.21
C SER A 123 13.32 2.08 -4.99
N ALA A 124 12.78 2.57 -6.10
CA ALA A 124 13.42 3.55 -6.97
C ALA A 124 12.95 4.96 -6.56
N GLY A 125 12.47 5.05 -5.33
CA GLY A 125 11.97 6.28 -4.72
C GLY A 125 12.14 6.23 -3.22
N SER A 126 11.08 6.63 -2.47
CA SER A 126 11.00 6.65 -1.01
C SER A 126 12.05 7.58 -0.37
N PHE A 127 12.09 8.84 -0.83
CA PHE A 127 13.03 9.87 -0.38
C PHE A 127 12.86 10.28 1.09
N GLY A 128 11.62 10.24 1.58
CA GLY A 128 11.24 10.63 2.94
C GLY A 128 11.98 9.96 4.08
N LEU A 129 12.10 10.69 5.21
CA LEU A 129 12.78 10.23 6.44
C LEU A 129 12.04 9.07 7.11
N SER A 130 10.74 8.89 6.78
CA SER A 130 9.87 7.82 7.29
C SER A 130 10.30 6.42 6.83
N CYS A 131 11.12 6.36 5.78
CA CYS A 131 11.62 5.13 5.18
C CYS A 131 13.00 4.74 5.64
N ASP A 132 13.65 5.65 6.40
CA ASP A 132 14.99 5.41 6.91
C ASP A 132 15.02 4.24 7.85
N TYR A 133 16.10 3.46 7.75
CA TYR A 133 16.43 2.34 8.61
C TYR A 133 15.50 1.12 8.49
N LYS A 134 14.83 0.95 7.34
CA LYS A 134 13.94 -0.21 7.14
C LYS A 134 14.76 -1.45 6.72
N GLU A 135 14.55 -2.57 7.44
CA GLU A 135 15.27 -3.85 7.31
C GLU A 135 15.13 -4.59 5.95
N THR A 136 14.07 -4.36 5.19
CA THR A 136 14.03 -5.10 3.93
C THR A 136 13.97 -4.16 2.74
N LEU A 137 14.17 -2.85 2.99
CA LEU A 137 14.11 -1.81 1.98
C LEU A 137 15.46 -1.34 1.47
N THR A 138 15.59 -1.26 0.15
CA THR A 138 16.77 -0.80 -0.58
C THR A 138 16.35 0.39 -1.42
N ARG A 139 17.06 1.52 -1.29
CA ARG A 139 16.73 2.73 -2.05
C ARG A 139 17.82 3.03 -3.07
N LEU A 140 17.46 3.05 -4.37
CA LEU A 140 18.40 3.29 -5.45
C LEU A 140 18.42 4.74 -5.97
N MET A 141 17.83 5.66 -5.19
CA MET A 141 17.83 7.10 -5.42
C MET A 141 18.11 7.80 -4.09
N SER A 142 19.05 8.77 -4.09
CA SER A 142 19.52 9.51 -2.92
C SER A 142 18.40 9.96 -1.97
N PRO A 143 18.27 9.34 -0.76
CA PRO A 143 17.21 9.78 0.16
C PRO A 143 17.50 11.14 0.75
N ALA A 144 16.48 11.80 1.31
CA ALA A 144 16.58 13.12 1.93
C ALA A 144 17.58 13.16 3.08
N ARG A 145 17.84 12.00 3.71
CA ARG A 145 18.79 11.82 4.81
C ARG A 145 20.21 12.15 4.36
N LYS A 146 20.61 11.71 3.15
CA LYS A 146 21.94 11.95 2.59
C LYS A 146 22.17 13.40 2.22
N LEU A 147 21.12 14.08 1.72
CA LEU A 147 21.15 15.49 1.37
C LEU A 147 21.33 16.33 2.64
N MET A 148 20.59 15.95 3.70
CA MET A 148 20.60 16.55 5.02
C MET A 148 22.00 16.43 5.63
N TYR A 149 22.64 15.25 5.50
CA TYR A 149 24.00 15.03 6.01
C TYR A 149 25.02 15.91 5.34
N PHE A 150 24.83 16.20 4.04
CA PHE A 150 25.72 17.08 3.29
C PHE A 150 25.59 18.50 3.80
N LEU A 151 24.36 19.00 3.91
CA LEU A 151 24.07 20.36 4.34
C LEU A 151 24.57 20.66 5.74
N VAL A 152 24.43 19.70 6.69
CA VAL A 152 24.91 19.87 8.07
C VAL A 152 26.44 19.95 8.07
N ASN A 153 27.10 19.03 7.33
CA ASN A 153 28.56 19.00 7.19
C ASN A 153 29.08 20.29 6.58
N PHE A 154 28.43 20.78 5.50
CA PHE A 154 28.80 22.02 4.81
C PHE A 154 28.61 23.25 5.69
N TRP A 155 27.52 23.28 6.50
CA TRP A 155 27.20 24.36 7.43
C TRP A 155 28.27 24.50 8.52
N LYS A 156 28.74 23.37 9.06
CA LYS A 156 29.75 23.32 10.11
C LYS A 156 31.15 23.70 9.61
N THR A 157 31.44 23.44 8.32
CA THR A 157 32.74 23.72 7.69
C THR A 157 33.09 25.21 7.70
N ASN A 158 34.24 25.53 8.31
CA ASN A 158 34.76 26.90 8.44
C ASN A 158 36.28 26.92 8.20
N ASP A 159 36.85 25.76 7.82
CA ASP A 159 38.29 25.60 7.59
C ASP A 159 38.71 25.72 6.10
N LEU A 160 37.79 26.08 5.20
CA LEU A 160 38.14 26.24 3.77
C LEU A 160 38.56 27.69 3.45
N PRO A 161 39.47 27.93 2.47
CA PRO A 161 39.89 29.32 2.17
C PRO A 161 38.76 30.22 1.64
N PHE A 162 37.74 29.61 1.02
CA PHE A 162 36.57 30.30 0.49
C PHE A 162 35.41 30.31 1.51
N LYS A 163 35.29 29.26 2.34
CA LYS A 163 34.27 29.19 3.39
C LYS A 163 34.93 29.27 4.75
N THR A 164 34.94 30.49 5.29
CA THR A 164 35.63 30.88 6.51
C THR A 164 34.70 31.06 7.71
N TYR A 165 33.40 30.84 7.53
CA TYR A 165 32.41 30.97 8.59
C TYR A 165 31.62 29.69 8.74
N SER A 166 31.26 29.36 9.99
CA SER A 166 30.42 28.23 10.29
C SER A 166 28.99 28.77 10.30
N TRP A 167 28.15 28.25 9.40
CA TRP A 167 26.76 28.69 9.27
C TRP A 167 25.85 28.05 10.31
N SER A 168 24.87 28.83 10.79
CA SER A 168 23.92 28.41 11.82
C SER A 168 22.49 28.90 11.53
N THR A 169 22.32 29.76 10.51
CA THR A 169 21.02 30.33 10.12
C THR A 169 20.71 30.00 8.65
N SER A 170 19.42 29.79 8.32
CA SER A 170 18.96 29.49 6.95
C SER A 170 17.46 29.66 6.75
N TYR A 171 17.06 30.03 5.51
CA TYR A 171 15.67 30.16 5.07
C TYR A 171 15.40 28.99 4.11
N VAL A 172 14.27 28.29 4.27
CA VAL A 172 13.95 27.15 3.40
C VAL A 172 12.69 27.51 2.59
N TYR A 173 12.85 27.74 1.29
CA TYR A 173 11.71 28.08 0.43
C TYR A 173 10.93 26.82 0.01
N LYS A 174 9.60 26.81 0.25
CA LYS A 174 8.70 25.71 -0.08
C LYS A 174 7.26 26.20 -0.30
N ASN A 175 6.78 26.22 -1.57
CA ASN A 175 5.43 26.69 -1.93
C ASN A 175 4.37 25.57 -2.09
N GLY A 176 4.82 24.32 -2.21
CA GLY A 176 3.95 23.15 -2.36
C GLY A 176 3.64 22.74 -3.78
N THR A 177 4.27 23.39 -4.77
CA THR A 177 4.09 23.10 -6.21
C THR A 177 5.31 22.38 -6.82
N GLU A 178 6.26 21.95 -5.96
CA GLU A 178 7.49 21.27 -6.35
C GLU A 178 7.23 19.82 -6.77
N THR A 179 8.23 19.18 -7.40
CA THR A 179 8.22 17.77 -7.81
C THR A 179 8.34 16.91 -6.54
N GLU A 180 7.87 15.63 -6.58
CA GLU A 180 7.89 14.73 -5.40
C GLU A 180 9.25 14.70 -4.66
N ASP A 181 10.36 14.50 -5.41
CA ASP A 181 11.71 14.46 -4.83
C ASP A 181 11.99 15.75 -4.05
N CYS A 182 11.74 16.92 -4.67
CA CYS A 182 11.91 18.25 -4.09
C CYS A 182 11.05 18.48 -2.86
N PHE A 183 9.81 17.97 -2.87
CA PHE A 183 8.85 18.06 -1.77
C PHE A 183 9.38 17.35 -0.53
N TRP A 184 9.89 16.11 -0.70
CA TRP A 184 10.46 15.30 0.38
C TRP A 184 11.78 15.85 0.91
N TYR A 185 12.64 16.37 0.00
CA TYR A 185 13.93 16.96 0.36
C TYR A 185 13.72 18.20 1.24
N LEU A 186 12.77 19.08 0.84
CA LEU A 186 12.43 20.28 1.59
C LEU A 186 11.65 19.95 2.87
N ASN A 187 10.92 18.81 2.89
CA ASN A 187 10.16 18.33 4.05
C ASN A 187 11.12 17.90 5.14
N ALA A 188 12.23 17.23 4.75
CA ALA A 188 13.27 16.77 5.65
C ALA A 188 13.96 17.95 6.32
N LEU A 189 14.13 19.07 5.59
CA LEU A 189 14.73 20.27 6.12
C LEU A 189 13.73 21.03 7.00
N GLU A 190 12.42 20.85 6.73
CA GLU A 190 11.32 21.49 7.47
C GLU A 190 11.02 20.78 8.80
N ALA A 191 11.04 19.44 8.81
CA ALA A 191 10.75 18.60 9.98
C ALA A 191 11.61 18.94 11.19
N SER A 192 10.96 19.28 12.31
CA SER A 192 11.60 19.67 13.58
C SER A 192 12.51 18.58 14.18
N VAL A 193 12.19 17.30 13.92
CA VAL A 193 12.94 16.13 14.41
C VAL A 193 14.18 15.81 13.58
N SER A 194 14.32 16.43 12.39
CA SER A 194 15.46 16.21 11.49
C SER A 194 16.77 16.71 12.04
N TYR A 195 17.89 16.08 11.63
CA TYR A 195 19.25 16.42 12.04
C TYR A 195 19.61 17.86 11.65
N PHE A 196 19.06 18.37 10.54
CA PHE A 196 19.27 19.74 10.05
C PHE A 196 18.64 20.76 11.00
N SER A 197 17.40 20.54 11.42
CA SER A 197 16.66 21.41 12.34
C SER A 197 17.31 21.46 13.71
N HIS A 198 17.79 20.30 14.21
CA HIS A 198 18.49 20.17 15.48
C HIS A 198 19.81 20.94 15.41
N GLU A 199 20.49 20.89 14.24
CA GLU A 199 21.76 21.60 14.00
C GLU A 199 21.54 23.01 13.37
N LEU A 200 20.36 23.61 13.58
CA LEU A 200 20.07 24.95 13.10
C LEU A 200 19.34 25.80 14.14
N GLY A 201 20.02 26.87 14.58
CA GLY A 201 19.57 27.82 15.59
C GLY A 201 18.50 28.80 15.13
N PHE A 202 18.42 29.03 13.82
CA PHE A 202 17.41 29.85 13.17
C PHE A 202 17.07 29.19 11.84
N LYS A 203 15.79 28.83 11.69
CA LYS A 203 15.29 28.20 10.49
C LYS A 203 13.84 28.59 10.30
N VAL A 204 13.55 29.25 9.17
CA VAL A 204 12.21 29.72 8.83
C VAL A 204 11.83 29.25 7.43
N VAL A 205 10.66 28.62 7.31
CA VAL A 205 10.13 28.11 6.05
C VAL A 205 9.32 29.18 5.32
N LEU A 206 9.77 29.56 4.11
CA LEU A 206 9.11 30.56 3.28
C LEU A 206 8.12 29.84 2.40
N ARG A 207 6.82 30.08 2.63
CA ARG A 207 5.73 29.41 1.92
C ARG A 207 5.16 30.17 0.73
N GLN A 208 5.32 31.51 0.71
CA GLN A 208 4.81 32.34 -0.38
C GLN A 208 5.92 32.89 -1.26
N ASP A 209 5.61 33.09 -2.55
CA ASP A 209 6.52 33.65 -3.57
C ASP A 209 6.93 35.08 -3.20
N LYS A 210 6.03 35.82 -2.55
CA LYS A 210 6.23 37.19 -2.09
C LYS A 210 7.26 37.20 -0.93
N GLU A 211 7.14 36.24 0.03
CA GLU A 211 8.02 36.10 1.19
C GLU A 211 9.48 35.93 0.78
N PHE A 212 9.73 35.13 -0.28
CA PHE A 212 11.05 34.88 -0.85
C PHE A 212 11.57 36.17 -1.52
N GLN A 213 10.72 36.79 -2.36
CA GLN A 213 10.99 38.02 -3.11
C GLN A 213 11.34 39.21 -2.21
N ASP A 214 10.64 39.33 -1.06
CA ASP A 214 10.85 40.41 -0.10
C ASP A 214 12.17 40.25 0.68
N ILE A 215 12.60 39.00 0.94
CA ILE A 215 13.83 38.69 1.66
C ILE A 215 15.08 38.96 0.78
N LEU A 216 14.96 38.81 -0.56
CA LEU A 216 16.05 39.07 -1.52
C LEU A 216 16.59 40.51 -1.46
N MET A 217 15.78 41.45 -0.95
CA MET A 217 16.10 42.88 -0.85
C MET A 217 16.22 43.40 0.59
N ASP A 218 15.51 42.75 1.55
CA ASP A 218 15.48 43.13 2.97
C ASP A 218 16.86 43.12 3.65
N HIS A 219 17.35 44.32 4.01
CA HIS A 219 18.63 44.50 4.71
C HIS A 219 18.54 44.07 6.19
N ASN A 220 17.30 43.84 6.69
CA ASN A 220 17.02 43.42 8.07
C ASN A 220 16.66 41.93 8.20
N ARG A 221 16.98 41.11 7.19
CA ARG A 221 16.74 39.66 7.17
C ARG A 221 17.63 38.96 8.23
N LYS A 222 17.14 37.85 8.80
CA LYS A 222 17.91 37.13 9.82
C LYS A 222 18.95 36.18 9.25
N SER A 223 18.82 35.81 7.96
CA SER A 223 19.76 34.91 7.29
C SER A 223 20.05 35.30 5.86
N ASN A 224 21.32 35.11 5.43
CA ASN A 224 21.80 35.39 4.09
C ASN A 224 21.71 34.14 3.19
N VAL A 225 21.41 32.97 3.79
CA VAL A 225 21.33 31.70 3.06
C VAL A 225 19.89 31.24 2.86
N ILE A 226 19.50 30.97 1.61
CA ILE A 226 18.18 30.49 1.23
C ILE A 226 18.32 29.15 0.47
N ILE A 227 17.68 28.09 0.99
CA ILE A 227 17.70 26.75 0.38
C ILE A 227 16.37 26.54 -0.33
N MET A 228 16.43 26.12 -1.60
CA MET A 228 15.26 25.83 -2.43
C MET A 228 15.55 24.65 -3.36
N CYS A 229 14.48 23.98 -3.82
CA CYS A 229 14.60 22.84 -4.73
C CYS A 229 13.91 23.12 -6.06
N GLY A 230 14.55 22.70 -7.15
CA GLY A 230 14.06 22.89 -8.50
C GLY A 230 15.13 23.30 -9.49
N GLY A 231 14.70 23.60 -10.72
CA GLY A 231 15.59 24.02 -11.80
C GLY A 231 15.89 25.51 -11.82
N PRO A 232 16.85 25.95 -12.68
CA PRO A 232 17.18 27.38 -12.75
C PRO A 232 16.04 28.23 -13.31
N GLU A 233 15.17 27.62 -14.14
CA GLU A 233 13.99 28.25 -14.72
C GLU A 233 12.95 28.56 -13.65
N PHE A 234 12.87 27.70 -12.61
CA PHE A 234 11.97 27.87 -11.47
C PHE A 234 12.41 29.07 -10.64
N LEU A 235 13.73 29.21 -10.42
CA LEU A 235 14.32 30.32 -9.68
C LEU A 235 14.13 31.65 -10.43
N TYR A 236 14.29 31.64 -11.78
CA TYR A 236 14.12 32.83 -12.63
C TYR A 236 12.69 33.39 -12.56
N LYS A 237 11.68 32.50 -12.61
CA LYS A 237 10.26 32.85 -12.53
C LYS A 237 9.93 33.40 -11.14
N LEU A 238 10.54 32.80 -10.11
CA LEU A 238 10.36 33.16 -8.70
C LEU A 238 11.02 34.50 -8.33
N LYS A 239 12.29 34.70 -8.74
CA LYS A 239 13.08 35.91 -8.49
C LYS A 239 12.56 37.09 -9.32
N GLY A 240 12.35 36.85 -10.61
CA GLY A 240 11.89 37.85 -11.56
C GLY A 240 12.98 38.84 -11.92
N ASP A 241 12.59 40.12 -12.10
CA ASP A 241 13.52 41.20 -12.43
C ASP A 241 14.16 41.84 -11.18
N ARG A 242 13.75 41.36 -9.98
CA ARG A 242 14.23 41.84 -8.68
C ARG A 242 15.71 41.54 -8.50
N ALA A 243 16.48 42.54 -8.05
CA ALA A 243 17.91 42.40 -7.78
C ALA A 243 18.10 41.60 -6.48
N VAL A 244 19.30 41.00 -6.32
CA VAL A 244 19.60 40.19 -5.13
C VAL A 244 20.75 40.87 -4.36
N ALA A 245 20.59 41.00 -3.02
CA ALA A 245 21.60 41.60 -2.13
C ALA A 245 22.95 40.89 -2.27
N GLU A 246 24.03 41.69 -2.37
CA GLU A 246 25.41 41.27 -2.60
C GLU A 246 25.94 40.16 -1.67
N ASP A 247 25.32 39.98 -0.50
CA ASP A 247 25.75 38.96 0.47
C ASP A 247 24.76 37.77 0.61
N ILE A 248 23.83 37.59 -0.36
CA ILE A 248 22.87 36.48 -0.34
C ILE A 248 23.39 35.26 -1.11
N VAL A 249 23.23 34.07 -0.51
CA VAL A 249 23.61 32.77 -1.10
C VAL A 249 22.34 31.93 -1.28
N ILE A 250 22.04 31.52 -2.52
CA ILE A 250 20.89 30.68 -2.81
C ILE A 250 21.36 29.27 -3.13
N ILE A 251 21.03 28.30 -2.28
CA ILE A 251 21.42 26.92 -2.53
C ILE A 251 20.28 26.23 -3.27
N LEU A 252 20.49 26.03 -4.57
CA LEU A 252 19.51 25.40 -5.45
C LEU A 252 19.78 23.90 -5.50
N VAL A 253 18.84 23.13 -4.93
CA VAL A 253 18.90 21.67 -4.90
C VAL A 253 18.30 21.16 -6.21
N ASP A 254 19.14 20.56 -7.06
CA ASP A 254 18.74 20.02 -8.36
C ASP A 254 19.64 18.81 -8.63
N LEU A 255 19.46 17.77 -7.80
CA LEU A 255 20.25 16.54 -7.82
C LEU A 255 20.23 15.73 -9.11
N PHE A 256 19.15 15.80 -9.89
CA PHE A 256 19.04 14.96 -11.09
C PHE A 256 19.07 15.74 -12.42
N ASN A 257 19.90 16.81 -12.49
CA ASN A 257 20.05 17.62 -13.69
C ASN A 257 21.51 17.64 -14.13
N ASP A 258 21.82 16.99 -15.26
CA ASP A 258 23.17 16.90 -15.81
C ASP A 258 23.56 18.07 -16.74
N GLN A 259 22.59 18.98 -17.02
CA GLN A 259 22.78 20.15 -17.91
C GLN A 259 23.95 21.06 -17.49
N TYR A 260 24.26 21.11 -16.17
CA TYR A 260 25.34 21.92 -15.61
C TYR A 260 26.74 21.45 -16.01
N PHE A 261 26.86 20.18 -16.43
CA PHE A 261 28.12 19.57 -16.81
C PHE A 261 28.40 19.60 -18.33
N GLU A 262 27.44 20.12 -19.13
CA GLU A 262 27.59 20.26 -20.58
C GLU A 262 28.49 21.46 -20.89
N ASP A 263 29.48 21.27 -21.78
CA ASP A 263 30.48 22.29 -22.17
C ASP A 263 29.90 23.56 -22.79
N ASN A 264 28.80 23.45 -23.56
CA ASN A 264 28.15 24.57 -24.25
C ASN A 264 27.27 25.41 -23.31
N VAL A 265 27.20 25.03 -22.03
CA VAL A 265 26.35 25.72 -21.08
C VAL A 265 27.04 26.91 -20.48
N THR A 266 26.41 28.06 -20.70
CA THR A 266 26.75 29.34 -20.14
C THR A 266 25.79 29.48 -18.99
N ALA A 267 26.18 30.27 -18.01
CA ALA A 267 25.35 30.50 -16.87
C ALA A 267 24.44 31.63 -17.22
N PRO A 268 23.21 31.61 -16.69
CA PRO A 268 22.36 32.80 -16.84
C PRO A 268 22.99 33.86 -15.93
N ASP A 269 22.43 35.06 -15.94
CA ASP A 269 22.96 36.16 -15.15
C ASP A 269 22.17 36.35 -13.86
N TYR A 270 21.47 35.29 -13.43
CA TYR A 270 20.71 35.29 -12.19
C TYR A 270 21.27 34.25 -11.26
N MET A 271 21.84 33.19 -11.85
CA MET A 271 22.51 32.11 -11.15
C MET A 271 23.93 32.58 -10.95
N LYS A 272 24.13 33.59 -10.11
CA LYS A 272 25.44 34.17 -9.84
C LYS A 272 25.65 34.18 -8.35
N ASN A 273 24.54 34.39 -7.62
CA ASN A 273 24.49 34.35 -6.18
C ASN A 273 23.87 32.99 -5.81
N VAL A 274 24.03 32.01 -6.72
CA VAL A 274 23.47 30.67 -6.61
C VAL A 274 24.53 29.59 -6.61
N LEU A 275 24.43 28.68 -5.62
CA LEU A 275 25.26 27.49 -5.47
C LEU A 275 24.35 26.31 -5.80
N VAL A 276 24.71 25.50 -6.80
CA VAL A 276 23.87 24.39 -7.23
C VAL A 276 24.33 23.06 -6.65
N LEU A 277 23.43 22.40 -5.90
CA LEU A 277 23.70 21.08 -5.35
C LEU A 277 23.07 20.05 -6.27
N THR A 278 23.93 19.27 -6.92
CA THR A 278 23.54 18.23 -7.87
C THR A 278 24.33 16.96 -7.60
N LEU A 279 23.99 15.87 -8.30
CA LEU A 279 24.75 14.65 -8.16
C LEU A 279 25.79 14.62 -9.27
N SER A 280 26.90 13.91 -9.02
CA SER A 280 27.98 13.71 -9.99
C SER A 280 27.32 13.28 -11.30
N PRO A 281 27.74 13.84 -12.46
CA PRO A 281 27.12 13.44 -13.72
C PRO A 281 27.23 11.93 -13.88
N GLY A 282 26.20 11.32 -14.47
CA GLY A 282 26.24 9.89 -14.75
C GLY A 282 27.57 9.68 -15.44
N ASN A 283 28.46 8.88 -14.81
CA ASN A 283 29.84 8.61 -15.26
C ASN A 283 29.94 8.48 -16.77
N SER A 284 28.88 7.97 -17.37
CA SER A 284 28.64 7.90 -18.78
C SER A 284 27.29 8.59 -18.97
N LEU A 285 27.21 9.46 -19.96
CA LEU A 285 25.95 10.15 -20.27
C LEU A 285 25.82 10.25 -21.77
N LEU A 286 24.55 10.39 -22.23
CA LEU A 286 24.19 10.56 -23.64
C LEU A 286 24.90 9.59 -24.56
N ASN A 287 24.59 8.30 -24.43
CA ASN A 287 25.24 7.32 -25.27
C ASN A 287 24.24 6.36 -25.90
N SER A 288 23.57 5.55 -25.05
CA SER A 288 22.57 4.58 -25.51
C SER A 288 21.39 5.27 -26.17
N SER A 289 20.79 4.59 -27.17
CA SER A 289 19.63 5.06 -27.96
C SER A 289 18.48 5.44 -27.04
N PHE A 290 18.18 4.57 -26.04
CA PHE A 290 17.11 4.77 -25.09
C PHE A 290 17.42 5.91 -24.11
N SER A 291 18.72 6.18 -23.79
CA SER A 291 19.09 7.34 -22.96
C SER A 291 18.89 8.63 -23.76
N ARG A 292 19.00 8.56 -25.10
CA ARG A 292 18.84 9.71 -25.98
C ARG A 292 17.38 10.20 -26.11
N ASN A 293 16.38 9.32 -25.87
CA ASN A 293 14.96 9.68 -25.99
C ASN A 293 14.26 9.91 -24.65
N LEU A 294 14.76 9.26 -23.59
CA LEU A 294 14.29 9.48 -22.23
C LEU A 294 15.21 10.56 -21.74
N SER A 295 14.68 11.74 -21.40
CA SER A 295 15.63 12.77 -21.06
C SER A 295 15.44 13.53 -19.74
N PRO A 296 14.27 13.68 -19.06
CA PRO A 296 14.29 14.44 -17.79
C PRO A 296 15.04 13.69 -16.68
N THR A 297 14.84 14.12 -15.43
CA THR A 297 15.39 13.50 -14.23
C THR A 297 14.85 12.07 -14.12
N LYS A 298 13.78 11.78 -14.90
CA LYS A 298 13.13 10.49 -14.98
C LYS A 298 13.98 9.48 -15.70
N ARG A 299 15.12 9.95 -16.26
CA ARG A 299 16.12 9.07 -16.83
C ARG A 299 16.65 8.34 -15.61
N ASP A 300 16.99 9.10 -14.55
CA ASP A 300 17.48 8.56 -13.28
C ASP A 300 16.44 7.72 -12.56
N PHE A 301 15.13 8.08 -12.68
CA PHE A 301 14.03 7.32 -12.07
C PHE A 301 13.98 5.93 -12.67
N ALA A 302 13.99 5.87 -14.02
CA ALA A 302 13.97 4.62 -14.77
C ALA A 302 15.27 3.88 -14.56
N LEU A 303 16.41 4.61 -14.44
CA LEU A 303 17.70 3.99 -14.22
C LEU A 303 17.75 3.15 -12.96
N ALA A 304 17.12 3.63 -11.88
CA ALA A 304 17.06 2.87 -10.64
C ALA A 304 16.34 1.54 -10.90
N TYR A 305 15.19 1.56 -11.62
CA TYR A 305 14.44 0.35 -11.99
C TYR A 305 15.33 -0.67 -12.69
N LEU A 306 16.19 -0.23 -13.63
CA LEU A 306 17.14 -1.07 -14.36
C LEU A 306 18.20 -1.64 -13.40
N ASN A 307 18.80 -0.77 -12.57
CA ASN A 307 19.81 -1.17 -11.58
C ASN A 307 19.23 -2.07 -10.50
N GLY A 308 17.91 -2.00 -10.30
CA GLY A 308 17.16 -2.81 -9.35
C GLY A 308 17.12 -4.26 -9.78
N ILE A 309 16.99 -4.47 -11.10
CA ILE A 309 17.00 -5.80 -11.74
C ILE A 309 18.43 -6.35 -11.67
N LEU A 310 19.43 -5.47 -11.94
CA LEU A 310 20.86 -5.82 -11.89
C LEU A 310 21.33 -6.18 -10.49
N LEU A 311 20.83 -5.47 -9.47
CA LEU A 311 21.14 -5.73 -8.06
C LEU A 311 20.56 -7.09 -7.67
N PHE A 312 19.33 -7.39 -8.13
CA PHE A 312 18.69 -8.69 -7.89
C PHE A 312 19.49 -9.80 -8.57
N GLY A 313 19.89 -9.56 -9.82
CA GLY A 313 20.69 -10.49 -10.62
C GLY A 313 22.03 -10.79 -9.98
N HIS A 314 22.65 -9.76 -9.38
CA HIS A 314 23.93 -9.85 -8.67
C HIS A 314 23.77 -10.69 -7.40
N MET A 315 22.68 -10.44 -6.63
CA MET A 315 22.38 -11.17 -5.39
C MET A 315 21.94 -12.61 -5.66
N LEU A 316 21.23 -12.84 -6.79
CA LEU A 316 20.75 -14.15 -7.23
C LEU A 316 21.94 -15.04 -7.58
N LYS A 317 22.93 -14.47 -8.30
CA LYS A 317 24.14 -15.20 -8.66
C LYS A 317 24.87 -15.61 -7.38
N ILE A 318 25.23 -14.62 -6.53
CA ILE A 318 25.93 -14.80 -5.25
C ILE A 318 25.33 -15.90 -4.40
N PHE A 319 24.03 -15.79 -4.06
CA PHE A 319 23.32 -16.76 -3.23
C PHE A 319 23.34 -18.16 -3.81
N LEU A 320 23.25 -18.27 -5.13
CA LEU A 320 23.30 -19.55 -5.82
C LEU A 320 24.72 -20.10 -5.94
N GLU A 321 25.71 -19.20 -6.05
CA GLU A 321 27.13 -19.54 -6.14
C GLU A 321 27.52 -20.19 -4.83
N ASN A 322 27.33 -19.46 -3.70
CA ASN A 322 27.58 -19.98 -2.37
C ASN A 322 26.76 -21.25 -2.20
N GLY A 323 25.47 -21.17 -2.55
CA GLY A 323 24.59 -22.33 -2.55
C GLY A 323 23.54 -22.32 -1.47
N GLU A 324 22.74 -21.26 -1.42
CA GLU A 324 21.66 -21.19 -0.46
C GLU A 324 20.36 -21.03 -1.20
N ASN A 325 19.31 -20.64 -0.49
CA ASN A 325 18.01 -20.41 -1.08
C ASN A 325 17.69 -18.93 -1.06
N ILE A 326 16.61 -18.54 -1.72
CA ILE A 326 16.22 -17.15 -1.82
C ILE A 326 15.05 -16.82 -0.89
N THR A 327 14.23 -17.83 -0.53
CA THR A 327 13.09 -17.67 0.38
C THR A 327 13.57 -17.35 1.79
N THR A 328 14.87 -17.60 2.07
CA THR A 328 15.52 -17.35 3.35
C THR A 328 15.31 -15.88 3.71
N PRO A 329 15.06 -15.54 4.99
CA PRO A 329 14.98 -14.12 5.37
C PRO A 329 16.35 -13.46 5.17
N LYS A 330 17.42 -14.27 4.97
CA LYS A 330 18.75 -13.71 4.73
C LYS A 330 18.79 -12.92 3.45
N PHE A 331 18.32 -13.52 2.32
CA PHE A 331 18.23 -12.85 1.03
C PHE A 331 17.59 -11.49 1.23
N ALA A 332 16.43 -11.48 1.92
CA ALA A 332 15.64 -10.30 2.26
C ALA A 332 16.49 -9.23 2.97
N HIS A 333 17.28 -9.64 3.99
CA HIS A 333 18.15 -8.73 4.72
C HIS A 333 19.59 -8.79 4.19
N ALA A 334 19.75 -8.92 2.87
CA ALA A 334 21.08 -8.98 2.28
C ALA A 334 21.10 -8.09 1.05
N PHE A 335 20.86 -6.80 1.23
CA PHE A 335 20.85 -5.86 0.13
C PHE A 335 21.48 -4.57 0.57
N ARG A 336 22.53 -4.72 1.35
CA ARG A 336 23.22 -3.60 1.94
C ARG A 336 24.68 -3.92 1.97
N ASN A 337 25.50 -2.94 2.38
CA ASN A 337 26.94 -3.08 2.48
C ASN A 337 27.49 -3.84 1.28
N LEU A 338 27.19 -3.36 0.08
CA LEU A 338 27.63 -4.04 -1.12
C LEU A 338 27.86 -3.09 -2.28
N THR A 339 28.71 -3.53 -3.20
CA THR A 339 29.01 -2.82 -4.42
C THR A 339 28.69 -3.78 -5.55
N PHE A 340 27.65 -3.47 -6.30
CA PHE A 340 27.23 -4.28 -7.43
C PHE A 340 27.51 -3.56 -8.73
N GLU A 341 27.41 -4.29 -9.83
CA GLU A 341 27.71 -3.77 -11.15
C GLU A 341 26.46 -3.25 -11.82
N GLY A 342 26.33 -1.93 -11.83
CA GLY A 342 25.21 -1.24 -12.43
C GLY A 342 25.34 -1.08 -13.92
N TYR A 343 24.44 -0.29 -14.52
CA TYR A 343 24.42 -0.04 -15.96
C TYR A 343 25.53 0.92 -16.37
N ASP A 344 25.63 2.08 -15.67
CA ASP A 344 26.60 3.13 -15.96
C ASP A 344 27.90 3.06 -15.14
N GLY A 345 27.97 2.15 -14.18
CA GLY A 345 29.16 1.97 -13.36
C GLY A 345 28.94 1.16 -12.09
N PRO A 346 29.87 1.24 -11.10
CA PRO A 346 29.65 0.47 -9.86
C PRO A 346 28.70 1.21 -8.93
N VAL A 347 27.69 0.49 -8.41
CA VAL A 347 26.71 1.09 -7.51
C VAL A 347 26.94 0.54 -6.10
N THR A 348 27.27 1.44 -5.17
CA THR A 348 27.55 1.10 -3.77
C THR A 348 26.34 1.41 -2.89
N LEU A 349 25.99 0.47 -2.00
CA LEU A 349 24.89 0.58 -1.06
C LEU A 349 25.48 0.58 0.36
N ASP A 350 24.98 1.47 1.23
CA ASP A 350 25.46 1.56 2.62
C ASP A 350 24.90 0.44 3.50
N ASP A 351 25.15 0.51 4.83
CA ASP A 351 24.68 -0.46 5.81
C ASP A 351 23.15 -0.53 5.92
N TRP A 352 22.44 0.52 5.49
CA TRP A 352 20.97 0.57 5.53
C TRP A 352 20.29 0.26 4.21
N GLY A 353 21.09 0.02 3.18
CA GLY A 353 20.62 -0.32 1.85
C GLY A 353 20.30 0.89 0.99
N ASP A 354 20.98 2.01 1.23
CA ASP A 354 20.77 3.22 0.45
C ASP A 354 21.94 3.50 -0.46
N VAL A 355 21.64 3.97 -1.66
CA VAL A 355 22.61 4.32 -2.69
C VAL A 355 23.52 5.44 -2.23
N ASP A 356 24.82 5.15 -2.17
CA ASP A 356 25.78 6.18 -1.87
C ASP A 356 26.08 6.90 -3.14
N SER A 357 26.23 8.21 -3.04
CA SER A 357 26.46 9.06 -4.17
C SER A 357 27.52 10.09 -3.87
N THR A 358 28.02 10.69 -4.93
CA THR A 358 28.97 11.78 -4.87
C THR A 358 28.12 13.00 -5.17
N MET A 359 28.12 13.95 -4.24
CA MET A 359 27.36 15.17 -4.40
C MET A 359 28.29 16.26 -4.79
N VAL A 360 27.85 17.14 -5.67
CA VAL A 360 28.68 18.22 -6.16
C VAL A 360 28.00 19.55 -5.89
N LEU A 361 28.76 20.47 -5.28
CA LEU A 361 28.29 21.82 -5.06
C LEU A 361 28.96 22.66 -6.14
N LEU A 362 28.15 23.22 -7.05
CA LEU A 362 28.61 24.01 -8.19
C LEU A 362 28.44 25.50 -7.94
N TYR A 363 29.29 26.30 -8.60
CA TYR A 363 29.23 27.74 -8.51
C TYR A 363 29.41 28.36 -9.89
N THR A 364 28.92 29.59 -10.05
CA THR A 364 29.05 30.33 -11.31
C THR A 364 30.32 31.16 -11.26
N SER A 365 31.28 30.83 -12.16
CA SER A 365 32.55 31.56 -12.28
C SER A 365 32.26 32.88 -12.99
N VAL A 366 32.62 33.99 -12.35
CA VAL A 366 32.39 35.35 -12.86
C VAL A 366 33.19 35.60 -14.16
N ASP A 367 34.43 35.08 -14.24
CA ASP A 367 35.31 35.23 -15.39
C ASP A 367 34.85 34.51 -16.65
N THR A 368 34.41 33.24 -16.53
CA THR A 368 34.02 32.40 -17.67
C THR A 368 32.51 32.29 -17.90
N LYS A 369 31.69 32.61 -16.88
CA LYS A 369 30.22 32.49 -16.88
C LYS A 369 29.81 31.01 -17.01
N LYS A 370 30.68 30.08 -16.57
CA LYS A 370 30.44 28.63 -16.64
C LYS A 370 30.31 28.03 -15.25
N TYR A 371 29.57 26.91 -15.13
CA TYR A 371 29.40 26.21 -13.87
C TYR A 371 30.67 25.42 -13.54
N LYS A 372 31.23 25.63 -12.33
CA LYS A 372 32.45 24.97 -11.88
C LYS A 372 32.25 24.25 -10.54
N VAL A 373 32.95 23.13 -10.35
CA VAL A 373 32.88 22.33 -9.13
C VAL A 373 33.62 23.04 -8.01
N LEU A 374 32.91 23.35 -6.93
CA LEU A 374 33.50 24.00 -5.76
C LEU A 374 34.01 22.92 -4.81
N LEU A 375 33.17 21.91 -4.52
CA LEU A 375 33.49 20.78 -3.63
C LEU A 375 32.66 19.54 -3.99
N THR A 376 33.11 18.38 -3.49
CA THR A 376 32.44 17.08 -3.67
C THR A 376 32.17 16.46 -2.30
N TYR A 377 31.08 15.69 -2.16
CA TYR A 377 30.71 15.04 -0.90
C TYR A 377 30.38 13.57 -1.15
N ASP A 378 31.18 12.68 -0.57
CA ASP A 378 30.98 11.24 -0.67
C ASP A 378 30.06 10.83 0.47
N THR A 379 28.85 10.36 0.14
CA THR A 379 27.85 9.95 1.14
C THR A 379 28.21 8.62 1.82
N HIS A 380 29.16 7.85 1.26
CA HIS A 380 29.61 6.57 1.81
C HIS A 380 30.47 6.78 3.06
N VAL A 381 31.40 7.74 3.00
CA VAL A 381 32.32 8.06 4.11
C VAL A 381 31.88 9.33 4.88
N ASN A 382 30.84 10.04 4.38
CA ASN A 382 30.24 11.25 4.96
C ASN A 382 31.29 12.36 5.11
N LYS A 383 32.14 12.50 4.06
CA LYS A 383 33.25 13.44 4.01
C LYS A 383 33.21 14.38 2.79
N THR A 384 33.54 15.66 3.04
CA THR A 384 33.60 16.73 2.04
C THR A 384 35.05 16.86 1.54
N TYR A 385 35.21 16.98 0.20
CA TYR A 385 36.50 17.14 -0.47
C TYR A 385 36.47 18.42 -1.32
N PRO A 386 37.30 19.43 -1.01
CA PRO A 386 37.28 20.67 -1.80
C PRO A 386 37.97 20.51 -3.15
N VAL A 387 37.33 21.00 -4.21
CA VAL A 387 37.85 20.89 -5.57
C VAL A 387 38.54 22.20 -5.99
N ASP A 388 37.83 23.35 -5.89
CA ASP A 388 38.41 24.65 -6.24
C ASP A 388 38.80 25.40 -4.96
N MET A 389 40.12 25.60 -4.76
CA MET A 389 40.66 26.27 -3.57
C MET A 389 40.67 27.79 -3.68
N SER A 390 40.57 28.32 -4.91
CA SER A 390 40.51 29.75 -5.17
C SER A 390 39.38 30.04 -6.18
N PRO A 391 38.08 29.87 -5.77
CA PRO A 391 36.98 30.11 -6.71
C PRO A 391 36.77 31.58 -7.04
N THR A 392 36.20 31.87 -8.23
CA THR A 392 35.94 33.24 -8.69
C THR A 392 34.46 33.56 -8.53
N PHE A 393 34.08 33.88 -7.28
CA PHE A 393 32.73 34.23 -6.85
C PHE A 393 32.37 35.68 -7.11
N THR A 394 31.06 36.00 -7.06
CA THR A 394 30.56 37.37 -7.19
C THR A 394 30.68 38.10 -5.85
N TRP A 395 30.78 37.32 -4.75
CA TRP A 395 30.91 37.81 -3.38
C TRP A 395 32.29 38.42 -3.11
N LYS A 396 32.37 39.32 -2.10
CA LYS A 396 33.57 40.05 -1.68
C LYS A 396 34.75 39.13 -1.36
N ASN A 397 35.95 39.48 -1.89
CA ASN A 397 37.24 38.78 -1.76
C ASN A 397 37.21 37.33 -2.26
N SER A 398 36.23 37.00 -3.12
CA SER A 398 35.97 35.68 -3.71
C SER A 398 35.76 34.59 -2.65
N LYS A 399 35.04 34.95 -1.56
CA LYS A 399 34.73 34.08 -0.43
C LYS A 399 33.24 34.09 -0.13
N LEU A 400 32.71 32.96 0.37
CA LEU A 400 31.30 32.84 0.75
C LEU A 400 31.00 33.76 1.94
N PRO A 401 29.95 34.61 1.86
CA PRO A 401 29.65 35.50 2.99
C PRO A 401 29.13 34.77 4.22
N ASN A 402 29.09 35.47 5.36
CA ASN A 402 28.62 34.91 6.62
C ASN A 402 27.11 34.61 6.58
N ASP A 403 26.65 33.66 7.42
CA ASP A 403 25.24 33.26 7.49
C ASP A 403 24.34 34.39 8.00
N ILE A 404 24.85 35.22 8.92
CA ILE A 404 24.09 36.35 9.42
C ILE A 404 24.52 37.60 8.66
N THR A 405 23.63 38.60 8.64
CA THR A 405 23.91 39.91 8.05
C THR A 405 25.07 40.50 8.83
N GLY A 406 26.10 40.91 8.09
CA GLY A 406 27.26 41.57 8.68
C GLY A 406 26.86 43.02 8.87
N ARG A 407 26.44 43.38 10.11
CA ARG A 407 26.01 44.74 10.43
C ARG A 407 27.17 45.73 10.31
N GLU B 1 -17.51 -27.86 22.59
CA GLU B 1 -18.41 -27.57 21.47
C GLU B 1 -18.79 -26.09 21.40
N VAL B 2 -18.73 -25.52 20.18
CA VAL B 2 -19.10 -24.13 19.90
C VAL B 2 -20.65 -24.06 19.97
N GLN B 3 -21.18 -23.16 20.81
CA GLN B 3 -22.62 -23.01 21.00
C GLN B 3 -23.04 -21.56 21.18
N LEU B 4 -24.28 -21.27 20.75
CA LEU B 4 -24.91 -19.95 20.89
C LEU B 4 -26.33 -20.18 21.38
N VAL B 5 -26.66 -19.65 22.57
CA VAL B 5 -27.97 -19.81 23.20
C VAL B 5 -28.66 -18.46 23.32
N GLU B 6 -29.86 -18.37 22.73
CA GLU B 6 -30.68 -17.15 22.71
C GLU B 6 -31.81 -17.14 23.73
N SER B 7 -32.20 -15.92 24.18
CA SER B 7 -33.27 -15.67 25.14
C SER B 7 -33.74 -14.21 25.05
N GLY B 8 -34.93 -13.93 25.59
CA GLY B 8 -35.50 -12.59 25.62
C GLY B 8 -36.70 -12.37 24.71
N GLY B 9 -37.02 -13.35 23.87
CA GLY B 9 -38.14 -13.28 22.93
C GLY B 9 -39.50 -13.42 23.60
N GLY B 10 -40.51 -12.84 22.97
CA GLY B 10 -41.89 -12.85 23.43
C GLY B 10 -42.76 -11.77 22.82
N LEU B 11 -43.88 -11.45 23.48
CA LEU B 11 -44.83 -10.42 23.03
C LEU B 11 -44.43 -9.01 23.46
N VAL B 12 -44.62 -8.03 22.55
CA VAL B 12 -44.34 -6.59 22.76
C VAL B 12 -45.43 -5.77 22.04
N GLN B 13 -45.89 -4.67 22.68
CA GLN B 13 -46.87 -3.74 22.14
C GLN B 13 -46.20 -2.78 21.15
N PRO B 14 -46.90 -2.27 20.11
CA PRO B 14 -46.25 -1.33 19.17
C PRO B 14 -45.74 -0.06 19.85
N GLY B 15 -44.49 0.29 19.55
CA GLY B 15 -43.79 1.43 20.15
C GLY B 15 -42.95 1.03 21.34
N GLY B 16 -43.07 -0.23 21.76
CA GLY B 16 -42.35 -0.81 22.88
C GLY B 16 -40.94 -1.25 22.54
N SER B 17 -40.18 -1.65 23.57
CA SER B 17 -38.79 -2.09 23.43
C SER B 17 -38.55 -3.51 23.96
N LEU B 18 -37.53 -4.20 23.41
CA LEU B 18 -37.15 -5.55 23.80
C LEU B 18 -35.65 -5.78 23.61
N ARG B 19 -35.02 -6.43 24.61
CA ARG B 19 -33.60 -6.75 24.58
C ARG B 19 -33.41 -8.25 24.46
N LEU B 20 -32.67 -8.67 23.43
CA LEU B 20 -32.37 -10.08 23.18
C LEU B 20 -30.96 -10.39 23.63
N SER B 21 -30.73 -11.62 24.10
CA SER B 21 -29.43 -12.05 24.59
C SER B 21 -28.92 -13.27 23.83
N CYS B 22 -27.62 -13.25 23.49
CA CYS B 22 -26.93 -14.33 22.79
C CYS B 22 -25.77 -14.83 23.67
N ALA B 23 -26.08 -15.75 24.59
CA ALA B 23 -25.10 -16.36 25.49
C ALA B 23 -24.23 -17.32 24.68
N ALA B 24 -22.91 -17.22 24.82
CA ALA B 24 -21.97 -18.04 24.06
C ALA B 24 -21.20 -19.02 24.92
N SER B 25 -20.85 -20.20 24.35
CA SER B 25 -20.11 -21.24 25.05
C SER B 25 -19.12 -22.03 24.18
N GLY B 26 -17.94 -22.28 24.75
CA GLY B 26 -16.87 -23.07 24.15
C GLY B 26 -15.92 -22.44 23.15
N PHE B 27 -15.67 -21.10 23.23
CA PHE B 27 -14.74 -20.41 22.31
C PHE B 27 -14.20 -19.06 22.80
N THR B 28 -13.23 -18.51 22.04
CA THR B 28 -12.59 -17.20 22.26
C THR B 28 -13.52 -16.13 21.67
N PHE B 29 -14.43 -15.59 22.51
CA PHE B 29 -15.46 -14.61 22.15
C PHE B 29 -14.96 -13.37 21.42
N SER B 30 -13.91 -12.69 21.94
CA SER B 30 -13.32 -11.47 21.39
C SER B 30 -12.94 -11.53 19.90
N SER B 31 -12.40 -12.68 19.47
CA SER B 31 -11.91 -12.95 18.11
C SER B 31 -12.97 -12.91 17.01
N TYR B 32 -14.15 -13.53 17.24
CA TYR B 32 -15.19 -13.67 16.22
C TYR B 32 -16.29 -12.63 16.27
N TRP B 33 -16.58 -12.03 15.10
CA TRP B 33 -17.62 -11.04 14.89
C TRP B 33 -18.99 -11.64 15.12
N MET B 34 -19.77 -11.03 16.02
CA MET B 34 -21.12 -11.50 16.36
C MET B 34 -22.17 -10.74 15.55
N HIS B 35 -23.09 -11.50 14.93
CA HIS B 35 -24.15 -10.96 14.07
C HIS B 35 -25.55 -11.29 14.56
N TRP B 36 -26.53 -10.47 14.16
CA TRP B 36 -27.95 -10.66 14.44
C TRP B 36 -28.68 -10.75 13.10
N VAL B 37 -29.38 -11.87 12.87
CA VAL B 37 -30.10 -12.16 11.63
C VAL B 37 -31.56 -12.51 11.96
N ARG B 38 -32.53 -11.77 11.39
CA ARG B 38 -33.94 -12.07 11.62
C ARG B 38 -34.55 -12.86 10.45
N GLN B 39 -35.62 -13.62 10.74
CA GLN B 39 -36.34 -14.39 9.75
C GLN B 39 -37.85 -14.26 9.95
N ALA B 40 -38.53 -13.71 8.95
CA ALA B 40 -39.98 -13.53 8.99
C ALA B 40 -40.64 -14.23 7.79
N PRO B 41 -41.91 -14.70 7.91
CA PRO B 41 -42.55 -15.37 6.77
C PRO B 41 -42.64 -14.46 5.55
N GLY B 42 -42.16 -14.96 4.41
CA GLY B 42 -42.13 -14.23 3.15
C GLY B 42 -41.09 -13.12 3.12
N LYS B 43 -40.11 -13.16 4.04
CA LYS B 43 -39.03 -12.20 4.16
C LYS B 43 -37.66 -12.90 4.13
N GLY B 44 -37.70 -14.25 4.09
CA GLY B 44 -36.52 -15.10 4.08
C GLY B 44 -35.67 -14.86 5.30
N LEU B 45 -34.41 -14.49 5.09
CA LEU B 45 -33.47 -14.14 6.16
C LEU B 45 -32.95 -12.72 5.94
N GLU B 46 -32.76 -11.97 7.03
CA GLU B 46 -32.36 -10.57 6.97
C GLU B 46 -31.26 -10.26 7.98
N TRP B 47 -30.13 -9.72 7.49
CA TRP B 47 -29.00 -9.35 8.34
C TRP B 47 -29.28 -7.98 8.98
N ILE B 48 -29.23 -7.92 10.32
CA ILE B 48 -29.47 -6.69 11.07
C ILE B 48 -28.18 -5.88 11.26
N GLY B 49 -27.15 -6.54 11.78
CA GLY B 49 -25.86 -5.92 12.02
C GLY B 49 -24.82 -6.84 12.63
N GLU B 50 -23.69 -6.25 13.08
CA GLU B 50 -22.56 -6.98 13.67
C GLU B 50 -21.81 -6.23 14.78
N ILE B 51 -20.94 -6.97 15.50
CA ILE B 51 -20.09 -6.44 16.57
C ILE B 51 -18.80 -7.28 16.77
N LYS B 52 -17.65 -6.61 16.87
CA LYS B 52 -16.37 -7.23 17.15
C LYS B 52 -16.23 -7.13 18.67
N PRO B 53 -16.32 -8.25 19.41
CA PRO B 53 -16.27 -8.15 20.89
C PRO B 53 -14.96 -7.63 21.47
N SER B 54 -13.83 -7.84 20.75
CA SER B 54 -12.48 -7.41 21.17
C SER B 54 -12.34 -5.90 21.41
N ASN B 55 -12.89 -5.07 20.49
CA ASN B 55 -12.82 -3.62 20.59
C ASN B 55 -14.20 -2.92 20.64
N GLU B 56 -15.28 -3.72 20.72
CA GLU B 56 -16.69 -3.30 20.79
C GLU B 56 -17.14 -2.46 19.57
N LEU B 57 -16.46 -2.63 18.41
CA LEU B 57 -16.79 -1.92 17.17
C LEU B 57 -18.07 -2.52 16.59
N THR B 58 -19.11 -1.68 16.46
CA THR B 58 -20.41 -2.10 15.95
C THR B 58 -20.63 -1.58 14.51
N ASN B 59 -21.41 -2.34 13.74
CA ASN B 59 -21.79 -2.03 12.36
C ASN B 59 -23.21 -2.55 12.11
N VAL B 60 -24.20 -1.67 12.31
CA VAL B 60 -25.62 -1.98 12.12
C VAL B 60 -26.03 -1.47 10.74
N HIS B 61 -26.80 -2.29 9.99
CA HIS B 61 -27.30 -1.95 8.66
C HIS B 61 -28.18 -0.68 8.75
N GLU B 62 -28.07 0.21 7.73
CA GLU B 62 -28.79 1.49 7.61
C GLU B 62 -30.30 1.43 7.92
N LYS B 63 -30.97 0.32 7.52
CA LYS B 63 -32.39 0.07 7.73
C LYS B 63 -32.76 -0.01 9.23
N PHE B 64 -31.85 -0.52 10.08
CA PHE B 64 -32.08 -0.69 11.52
C PHE B 64 -31.27 0.23 12.44
N LYS B 65 -30.30 0.98 11.89
CA LYS B 65 -29.38 1.89 12.60
C LYS B 65 -30.05 2.86 13.60
N ASP B 66 -31.22 3.41 13.24
CA ASP B 66 -31.98 4.39 14.05
C ASP B 66 -32.59 3.86 15.36
N ARG B 67 -33.03 2.59 15.39
CA ARG B 67 -33.69 2.05 16.57
C ARG B 67 -33.09 0.74 17.14
N PHE B 68 -32.23 0.05 16.36
CA PHE B 68 -31.61 -1.19 16.80
C PHE B 68 -30.15 -0.96 17.21
N THR B 69 -29.77 -1.46 18.40
CA THR B 69 -28.42 -1.30 18.96
C THR B 69 -27.81 -2.66 19.38
N ILE B 70 -26.57 -2.92 18.94
CA ILE B 70 -25.84 -4.16 19.27
C ILE B 70 -24.70 -3.86 20.25
N SER B 71 -24.68 -4.61 21.37
CA SER B 71 -23.69 -4.48 22.44
C SER B 71 -23.17 -5.85 22.92
N VAL B 72 -22.09 -5.86 23.71
CA VAL B 72 -21.49 -7.08 24.26
C VAL B 72 -21.11 -6.93 25.73
N ASP B 73 -21.15 -8.06 26.47
CA ASP B 73 -20.70 -8.17 27.86
C ASP B 73 -19.60 -9.22 27.81
N LYS B 74 -18.33 -8.77 27.73
CA LYS B 74 -17.13 -9.61 27.64
C LYS B 74 -16.99 -10.59 28.80
N ALA B 75 -17.35 -10.14 30.02
CA ALA B 75 -17.31 -10.95 31.24
C ALA B 75 -18.35 -12.07 31.21
N LYS B 76 -19.53 -11.80 30.60
CA LYS B 76 -20.62 -12.75 30.47
C LYS B 76 -20.54 -13.60 29.19
N ASN B 77 -19.57 -13.28 28.29
CA ASN B 77 -19.34 -13.95 26.99
C ASN B 77 -20.65 -13.93 26.17
N SER B 78 -21.32 -12.76 26.13
CA SER B 78 -22.62 -12.60 25.48
C SER B 78 -22.78 -11.35 24.63
N ALA B 79 -23.58 -11.46 23.56
CA ALA B 79 -23.93 -10.38 22.64
C ALA B 79 -25.41 -10.04 22.86
N TYR B 80 -25.80 -8.77 22.61
CA TYR B 80 -27.18 -8.32 22.82
C TYR B 80 -27.72 -7.47 21.69
N LEU B 81 -29.05 -7.56 21.46
CA LEU B 81 -29.75 -6.77 20.44
C LEU B 81 -30.88 -5.98 21.09
N GLN B 82 -30.64 -4.67 21.29
CA GLN B 82 -31.63 -3.76 21.87
C GLN B 82 -32.47 -3.22 20.72
N MET B 83 -33.76 -3.56 20.72
CA MET B 83 -34.70 -3.12 19.70
C MET B 83 -35.68 -2.14 20.31
N ASN B 84 -35.77 -0.94 19.71
CA ASN B 84 -36.66 0.12 20.18
C ASN B 84 -37.67 0.49 19.10
N SER B 85 -38.79 1.15 19.49
CA SER B 85 -39.88 1.59 18.61
C SER B 85 -40.36 0.47 17.67
N LEU B 86 -40.63 -0.71 18.25
CA LEU B 86 -41.06 -1.92 17.54
C LEU B 86 -42.41 -1.78 16.85
N ARG B 87 -42.50 -2.29 15.61
CA ARG B 87 -43.69 -2.27 14.76
C ARG B 87 -44.07 -3.70 14.38
N ALA B 88 -45.28 -3.90 13.80
CA ALA B 88 -45.79 -5.21 13.34
C ALA B 88 -44.88 -5.89 12.31
N GLU B 89 -44.05 -5.10 11.61
CA GLU B 89 -43.08 -5.54 10.60
C GLU B 89 -41.84 -6.18 11.23
N ASP B 90 -41.64 -5.98 12.55
CA ASP B 90 -40.52 -6.54 13.32
C ASP B 90 -40.84 -7.93 13.88
N THR B 91 -42.07 -8.44 13.63
CA THR B 91 -42.52 -9.77 14.05
C THR B 91 -41.75 -10.81 13.24
N ALA B 92 -40.72 -11.43 13.88
CA ALA B 92 -39.82 -12.41 13.26
C ALA B 92 -39.12 -13.32 14.28
N VAL B 93 -38.47 -14.39 13.77
CA VAL B 93 -37.64 -15.32 14.54
C VAL B 93 -36.24 -14.72 14.47
N TYR B 94 -35.71 -14.28 15.60
CA TYR B 94 -34.40 -13.65 15.63
C TYR B 94 -33.30 -14.63 15.97
N TYR B 95 -32.18 -14.57 15.22
CA TYR B 95 -31.02 -15.44 15.35
C TYR B 95 -29.75 -14.65 15.63
N CYS B 96 -28.84 -15.25 16.40
CA CYS B 96 -27.51 -14.71 16.65
C CYS B 96 -26.53 -15.70 16.05
N THR B 97 -25.56 -15.21 15.27
CA THR B 97 -24.59 -16.07 14.59
C THR B 97 -23.21 -15.42 14.55
N ARG B 98 -22.17 -16.21 14.24
CA ARG B 98 -20.78 -15.74 14.18
C ARG B 98 -20.12 -16.04 12.83
N THR B 99 -19.17 -15.17 12.42
CA THR B 99 -18.42 -15.36 11.17
C THR B 99 -17.04 -15.93 11.44
N ILE B 100 -16.65 -16.93 10.63
CA ILE B 100 -15.37 -17.62 10.72
C ILE B 100 -14.62 -17.47 9.40
N THR B 101 -13.32 -17.16 9.49
CA THR B 101 -12.46 -17.04 8.32
C THR B 101 -11.64 -18.33 8.17
N THR B 102 -11.69 -18.94 6.97
CA THR B 102 -10.95 -20.16 6.66
C THR B 102 -9.47 -19.84 6.41
N THR B 103 -8.64 -20.89 6.19
CA THR B 103 -7.21 -20.78 5.90
C THR B 103 -7.01 -20.02 4.57
N GLU B 104 -7.95 -20.19 3.63
CA GLU B 104 -7.93 -19.54 2.31
C GLU B 104 -8.53 -18.13 2.29
N GLY B 105 -9.00 -17.64 3.44
CA GLY B 105 -9.53 -16.30 3.61
C GLY B 105 -11.01 -16.08 3.33
N TYR B 106 -11.82 -17.16 3.33
CA TYR B 106 -13.26 -17.07 3.09
C TYR B 106 -14.04 -17.00 4.40
N TRP B 107 -14.93 -16.01 4.52
CA TRP B 107 -15.74 -15.80 5.73
C TRP B 107 -17.24 -16.00 5.47
N PHE B 108 -17.93 -16.59 6.48
CA PHE B 108 -19.36 -16.94 6.44
C PHE B 108 -19.89 -17.27 7.85
N PHE B 109 -21.21 -17.37 8.00
CA PHE B 109 -21.85 -17.77 9.26
C PHE B 109 -21.72 -19.29 9.37
N ASP B 110 -21.17 -19.80 10.49
CA ASP B 110 -21.00 -21.24 10.67
C ASP B 110 -21.90 -21.81 11.76
N VAL B 111 -21.93 -21.17 12.94
CA VAL B 111 -22.72 -21.58 14.10
C VAL B 111 -23.79 -20.54 14.39
N TRP B 112 -25.03 -21.01 14.59
CA TRP B 112 -26.21 -20.18 14.85
C TRP B 112 -26.88 -20.57 16.15
N GLY B 113 -27.64 -19.63 16.72
CA GLY B 113 -28.44 -19.86 17.91
C GLY B 113 -29.69 -20.64 17.55
N GLN B 114 -30.42 -21.16 18.56
CA GLN B 114 -31.65 -21.93 18.32
C GLN B 114 -32.79 -21.06 17.77
N GLY B 115 -32.69 -19.75 17.99
CA GLY B 115 -33.67 -18.77 17.55
C GLY B 115 -34.65 -18.42 18.65
N THR B 116 -35.15 -17.17 18.64
CA THR B 116 -36.13 -16.68 19.61
C THR B 116 -37.16 -15.81 18.88
N LEU B 117 -38.44 -16.15 19.07
CA LEU B 117 -39.55 -15.45 18.41
C LEU B 117 -39.92 -14.15 19.12
N VAL B 118 -40.05 -13.07 18.32
CA VAL B 118 -40.46 -11.74 18.77
C VAL B 118 -41.76 -11.42 18.05
N THR B 119 -42.87 -11.22 18.80
CA THR B 119 -44.19 -10.93 18.23
C THR B 119 -44.66 -9.52 18.63
N VAL B 120 -44.96 -8.68 17.62
CA VAL B 120 -45.43 -7.31 17.83
C VAL B 120 -46.90 -7.15 17.44
N SER B 121 -47.77 -6.93 18.45
CA SER B 121 -49.22 -6.73 18.31
C SER B 121 -49.79 -5.98 19.51
N ASP C 1 -27.68 -2.53 -1.47
CA ASP C 1 -27.54 -3.95 -1.15
C ASP C 1 -27.57 -4.83 -2.40
N ILE C 2 -26.81 -5.95 -2.37
CA ILE C 2 -26.78 -6.93 -3.46
C ILE C 2 -28.00 -7.82 -3.29
N GLN C 3 -28.98 -7.72 -4.22
CA GLN C 3 -30.20 -8.53 -4.15
C GLN C 3 -29.97 -9.89 -4.78
N LEU C 4 -30.37 -10.95 -4.05
CA LEU C 4 -30.24 -12.33 -4.52
C LEU C 4 -31.62 -12.90 -4.79
N THR C 5 -31.86 -13.32 -6.05
CA THR C 5 -33.12 -13.90 -6.47
C THR C 5 -32.96 -15.35 -6.82
N GLN C 6 -33.71 -16.21 -6.13
CA GLN C 6 -33.67 -17.65 -6.31
C GLN C 6 -34.76 -18.14 -7.25
N SER C 7 -34.50 -19.26 -7.94
CA SER C 7 -35.44 -19.88 -8.86
C SER C 7 -35.30 -21.42 -8.82
N PRO C 8 -36.39 -22.17 -8.62
CA PRO C 8 -37.79 -21.74 -8.44
C PRO C 8 -38.08 -21.29 -7.01
N SER C 9 -39.33 -20.92 -6.71
CA SER C 9 -39.74 -20.53 -5.36
C SER C 9 -39.89 -21.79 -4.51
N SER C 10 -40.37 -22.89 -5.14
CA SER C 10 -40.56 -24.21 -4.55
C SER C 10 -40.53 -25.30 -5.63
N LEU C 11 -40.07 -26.52 -5.28
CA LEU C 11 -40.00 -27.65 -6.22
C LEU C 11 -40.17 -29.01 -5.52
N SER C 12 -40.70 -30.00 -6.26
CA SER C 12 -40.91 -31.36 -5.77
C SER C 12 -40.19 -32.40 -6.62
N ALA C 13 -39.58 -33.40 -5.96
CA ALA C 13 -38.83 -34.50 -6.58
C ALA C 13 -38.82 -35.75 -5.69
N SER C 14 -38.45 -36.91 -6.23
CA SER C 14 -38.40 -38.16 -5.48
C SER C 14 -36.99 -38.46 -4.97
N VAL C 15 -36.88 -39.46 -4.07
CA VAL C 15 -35.60 -39.90 -3.50
C VAL C 15 -34.80 -40.59 -4.63
N GLY C 16 -33.60 -40.07 -4.89
CA GLY C 16 -32.71 -40.57 -5.93
C GLY C 16 -32.58 -39.65 -7.13
N ASP C 17 -33.48 -38.64 -7.21
CA ASP C 17 -33.50 -37.66 -8.30
C ASP C 17 -32.38 -36.62 -8.19
N ARG C 18 -32.08 -35.97 -9.32
CA ARG C 18 -31.09 -34.88 -9.42
C ARG C 18 -31.88 -33.58 -9.52
N VAL C 19 -31.57 -32.61 -8.64
CA VAL C 19 -32.29 -31.35 -8.56
C VAL C 19 -31.34 -30.14 -8.70
N THR C 20 -31.85 -29.03 -9.26
CA THR C 20 -31.09 -27.80 -9.49
C THR C 20 -31.85 -26.57 -8.98
N ILE C 21 -31.16 -25.72 -8.20
CA ILE C 21 -31.66 -24.46 -7.64
C ILE C 21 -30.71 -23.35 -8.10
N THR C 22 -31.24 -22.31 -8.76
CA THR C 22 -30.45 -21.19 -9.28
C THR C 22 -30.56 -19.94 -8.41
N CYS C 23 -29.48 -19.14 -8.33
CA CYS C 23 -29.40 -17.88 -7.57
C CYS C 23 -28.80 -16.79 -8.45
N ARG C 24 -29.54 -15.69 -8.64
CA ARG C 24 -29.11 -14.55 -9.46
C ARG C 24 -28.88 -13.32 -8.59
N ALA C 25 -27.68 -12.74 -8.69
CA ALA C 25 -27.29 -11.54 -7.95
C ALA C 25 -27.53 -10.28 -8.76
N SER C 26 -27.92 -9.19 -8.08
CA SER C 26 -28.19 -7.88 -8.70
C SER C 26 -26.92 -7.28 -9.31
N GLU C 27 -25.76 -7.65 -8.75
CA GLU C 27 -24.43 -7.25 -9.20
C GLU C 27 -23.41 -8.34 -8.85
N SER C 28 -22.26 -8.39 -9.56
CA SER C 28 -21.20 -9.38 -9.37
C SER C 28 -20.76 -9.51 -7.92
N VAL C 29 -20.72 -10.76 -7.42
CA VAL C 29 -20.29 -11.05 -6.05
C VAL C 29 -18.84 -11.56 -6.04
N ASP C 30 -18.16 -11.48 -7.20
CA ASP C 30 -16.78 -11.89 -7.40
C ASP C 30 -15.79 -10.89 -6.82
N TYR C 31 -14.61 -11.39 -6.39
CA TYR C 31 -13.52 -10.61 -5.81
C TYR C 31 -12.21 -11.39 -5.94
N TYR C 32 -11.30 -10.90 -6.81
CA TYR C 32 -9.97 -11.46 -7.11
C TYR C 32 -10.01 -12.94 -7.56
N GLY C 33 -10.94 -13.26 -8.44
CA GLY C 33 -11.11 -14.60 -8.99
C GLY C 33 -11.99 -15.54 -8.19
N SER C 34 -12.41 -15.11 -6.98
CA SER C 34 -13.27 -15.89 -6.08
C SER C 34 -14.69 -15.34 -6.08
N SER C 35 -15.68 -16.24 -6.10
CA SER C 35 -17.09 -15.84 -6.06
C SER C 35 -17.57 -15.97 -4.62
N LEU C 36 -17.83 -14.84 -3.95
CA LEU C 36 -18.26 -14.82 -2.55
C LEU C 36 -19.75 -15.14 -2.39
N LEU C 37 -20.12 -16.38 -2.75
CA LEU C 37 -21.48 -16.92 -2.69
C LEU C 37 -21.47 -18.19 -1.85
N GLN C 38 -22.46 -18.30 -0.96
CA GLN C 38 -22.66 -19.41 -0.04
C GLN C 38 -24.04 -20.04 -0.22
N TRP C 39 -24.18 -21.33 0.15
CA TRP C 39 -25.44 -22.05 0.09
C TRP C 39 -25.76 -22.63 1.46
N TYR C 40 -26.86 -22.17 2.06
CA TYR C 40 -27.32 -22.59 3.37
C TYR C 40 -28.56 -23.45 3.30
N GLN C 41 -28.60 -24.53 4.08
CA GLN C 41 -29.74 -25.43 4.16
C GLN C 41 -30.44 -25.22 5.49
N GLN C 42 -31.66 -24.71 5.46
CA GLN C 42 -32.42 -24.53 6.68
C GLN C 42 -33.44 -25.65 6.79
N LYS C 43 -33.13 -26.65 7.62
CA LYS C 43 -34.00 -27.79 7.88
C LYS C 43 -35.18 -27.32 8.74
N PRO C 44 -36.42 -27.88 8.57
CA PRO C 44 -37.55 -27.39 9.37
C PRO C 44 -37.34 -27.53 10.87
N GLY C 45 -37.54 -26.43 11.58
CA GLY C 45 -37.34 -26.37 13.03
C GLY C 45 -35.96 -25.88 13.42
N LYS C 46 -34.93 -26.35 12.68
CA LYS C 46 -33.53 -26.03 12.89
C LYS C 46 -33.13 -24.65 12.34
N ALA C 47 -31.86 -24.27 12.55
CA ALA C 47 -31.26 -23.01 12.13
C ALA C 47 -30.42 -23.21 10.85
N PRO C 48 -30.18 -22.15 10.02
CA PRO C 48 -29.37 -22.34 8.80
C PRO C 48 -28.01 -23.00 9.04
N LYS C 49 -27.65 -23.92 8.13
CA LYS C 49 -26.41 -24.69 8.16
C LYS C 49 -25.70 -24.56 6.81
N LEU C 50 -24.39 -24.21 6.84
CA LEU C 50 -23.58 -24.04 5.64
C LEU C 50 -23.36 -25.37 4.90
N LEU C 51 -23.59 -25.35 3.58
CA LEU C 51 -23.37 -26.50 2.71
C LEU C 51 -22.20 -26.19 1.80
N ILE C 52 -22.30 -25.07 1.04
CA ILE C 52 -21.31 -24.60 0.09
C ILE C 52 -20.87 -23.18 0.45
N TYR C 53 -19.58 -22.88 0.27
CA TYR C 53 -18.98 -21.56 0.45
C TYR C 53 -18.04 -21.31 -0.72
N ALA C 54 -17.75 -20.03 -1.03
CA ALA C 54 -16.90 -19.61 -2.16
C ALA C 54 -17.37 -20.22 -3.50
N ALA C 55 -18.71 -20.26 -3.69
CA ALA C 55 -19.49 -20.75 -4.84
C ALA C 55 -19.41 -22.26 -5.11
N SER C 56 -18.26 -22.91 -4.87
CA SER C 56 -18.10 -24.34 -5.16
C SER C 56 -17.50 -25.19 -4.03
N LYS C 57 -16.99 -24.57 -2.96
CA LYS C 57 -16.33 -25.30 -1.87
C LYS C 57 -17.30 -25.90 -0.87
N LEU C 58 -17.23 -27.23 -0.72
CA LEU C 58 -18.05 -28.04 0.17
C LEU C 58 -17.59 -27.85 1.62
N ALA C 59 -18.53 -27.56 2.54
CA ALA C 59 -18.24 -27.39 3.96
C ALA C 59 -17.93 -28.74 4.61
N SER C 60 -17.14 -28.74 5.71
CA SER C 60 -16.73 -29.96 6.41
C SER C 60 -17.91 -30.78 6.91
N GLY C 61 -17.97 -32.04 6.49
CA GLY C 61 -19.02 -32.98 6.87
C GLY C 61 -20.20 -33.06 5.92
N VAL C 62 -20.32 -32.11 4.98
CA VAL C 62 -21.42 -32.05 4.01
C VAL C 62 -21.23 -33.16 2.95
N PRO C 63 -22.28 -33.96 2.61
CA PRO C 63 -22.11 -35.03 1.60
C PRO C 63 -21.74 -34.52 0.21
N SER C 64 -20.97 -35.33 -0.55
CA SER C 64 -20.48 -35.01 -1.90
C SER C 64 -21.58 -34.87 -2.97
N ARG C 65 -22.82 -35.30 -2.67
CA ARG C 65 -23.97 -35.19 -3.59
C ARG C 65 -24.37 -33.73 -3.83
N PHE C 66 -24.06 -32.85 -2.87
CA PHE C 66 -24.30 -31.40 -2.95
C PHE C 66 -23.11 -30.80 -3.68
N SER C 67 -23.37 -29.94 -4.68
CA SER C 67 -22.31 -29.28 -5.46
C SER C 67 -22.73 -27.90 -5.89
N GLY C 68 -21.80 -26.95 -5.80
CA GLY C 68 -22.03 -25.58 -6.21
C GLY C 68 -21.27 -25.21 -7.47
N SER C 69 -21.87 -24.33 -8.30
CA SER C 69 -21.28 -23.86 -9.55
C SER C 69 -21.72 -22.43 -9.89
N GLY C 70 -21.04 -21.82 -10.85
CA GLY C 70 -21.33 -20.47 -11.31
C GLY C 70 -20.30 -19.42 -10.94
N SER C 71 -20.45 -18.22 -11.53
CA SER C 71 -19.58 -17.05 -11.30
C SER C 71 -20.34 -15.75 -11.59
N GLY C 72 -19.81 -14.64 -11.07
CA GLY C 72 -20.36 -13.30 -11.24
C GLY C 72 -21.72 -13.08 -10.63
N THR C 73 -22.77 -13.21 -11.45
CA THR C 73 -24.16 -12.98 -11.04
C THR C 73 -25.04 -14.23 -11.05
N ASP C 74 -24.62 -15.30 -11.75
CA ASP C 74 -25.43 -16.51 -11.84
C ASP C 74 -24.76 -17.71 -11.19
N PHE C 75 -25.50 -18.36 -10.26
CA PHE C 75 -25.04 -19.52 -9.47
C PHE C 75 -26.03 -20.66 -9.46
N THR C 76 -25.54 -21.90 -9.28
CA THR C 76 -26.37 -23.11 -9.30
C THR C 76 -25.96 -24.12 -8.22
N LEU C 77 -26.94 -24.59 -7.43
CA LEU C 77 -26.75 -25.63 -6.41
C LEU C 77 -27.35 -26.91 -6.97
N THR C 78 -26.53 -27.95 -7.09
CA THR C 78 -26.94 -29.24 -7.64
C THR C 78 -26.92 -30.33 -6.57
N ILE C 79 -28.09 -30.95 -6.34
CA ILE C 79 -28.24 -32.04 -5.38
C ILE C 79 -28.57 -33.31 -6.18
N SER C 80 -27.55 -34.14 -6.42
CA SER C 80 -27.69 -35.40 -7.14
C SER C 80 -28.08 -36.50 -6.17
N SER C 81 -28.82 -37.53 -6.65
CA SER C 81 -29.31 -38.66 -5.85
C SER C 81 -29.86 -38.20 -4.51
N LEU C 82 -30.95 -37.43 -4.57
CA LEU C 82 -31.65 -36.85 -3.42
C LEU C 82 -31.96 -37.90 -2.38
N GLN C 83 -31.71 -37.55 -1.13
CA GLN C 83 -32.01 -38.44 -0.02
C GLN C 83 -33.11 -37.77 0.80
N PRO C 84 -33.95 -38.52 1.54
CA PRO C 84 -35.06 -37.88 2.29
C PRO C 84 -34.63 -36.75 3.23
N GLU C 85 -33.42 -36.87 3.79
CA GLU C 85 -32.85 -35.89 4.70
C GLU C 85 -32.52 -34.55 4.02
N ASP C 86 -32.37 -34.54 2.67
CA ASP C 86 -32.10 -33.33 1.89
C ASP C 86 -33.36 -32.63 1.49
N PHE C 87 -34.36 -32.60 2.36
CA PHE C 87 -35.62 -32.00 1.95
C PHE C 87 -36.06 -30.90 2.90
N ALA C 88 -35.36 -29.78 2.82
CA ALA C 88 -35.62 -28.63 3.65
C ALA C 88 -35.91 -27.40 2.78
N THR C 89 -35.52 -26.22 3.29
CA THR C 89 -35.63 -24.92 2.62
C THR C 89 -34.19 -24.53 2.34
N TYR C 90 -33.86 -24.31 1.06
CA TYR C 90 -32.52 -23.93 0.66
C TYR C 90 -32.42 -22.45 0.37
N TYR C 91 -31.30 -21.83 0.74
CA TYR C 91 -31.05 -20.39 0.60
C TYR C 91 -29.67 -20.10 0.04
N CYS C 92 -29.52 -18.99 -0.71
CA CYS C 92 -28.21 -18.53 -1.20
C CYS C 92 -27.80 -17.27 -0.41
N GLN C 93 -26.50 -17.08 -0.17
CA GLN C 93 -26.02 -15.96 0.64
C GLN C 93 -24.74 -15.36 0.06
N GLN C 94 -24.64 -14.02 0.03
CA GLN C 94 -23.43 -13.38 -0.48
C GLN C 94 -22.69 -12.58 0.59
N THR C 95 -21.34 -12.56 0.52
CA THR C 95 -20.47 -11.87 1.47
C THR C 95 -19.65 -10.75 0.82
N ARG C 96 -19.85 -10.48 -0.50
CA ARG C 96 -19.15 -9.44 -1.27
C ARG C 96 -19.36 -8.03 -0.72
N LYS C 97 -20.62 -7.67 -0.41
CA LYS C 97 -21.01 -6.39 0.18
C LYS C 97 -21.96 -6.69 1.33
N ALA C 98 -21.47 -6.52 2.59
CA ALA C 98 -22.19 -6.80 3.83
C ALA C 98 -22.68 -8.26 3.84
N TYR C 99 -23.97 -8.52 4.16
CA TYR C 99 -24.56 -9.87 4.18
C TYR C 99 -26.01 -9.83 3.74
N THR C 100 -26.33 -10.51 2.62
CA THR C 100 -27.71 -10.62 2.10
C THR C 100 -28.02 -12.08 1.75
N PHE C 101 -29.29 -12.46 1.84
CA PHE C 101 -29.78 -13.81 1.55
C PHE C 101 -30.81 -13.77 0.43
N GLY C 102 -31.00 -14.90 -0.24
CA GLY C 102 -32.03 -15.05 -1.26
C GLY C 102 -33.36 -15.25 -0.57
N GLN C 103 -34.49 -15.16 -1.32
CA GLN C 103 -35.82 -15.33 -0.73
C GLN C 103 -36.06 -16.75 -0.20
N GLY C 104 -35.31 -17.71 -0.73
CA GLY C 104 -35.39 -19.11 -0.37
C GLY C 104 -36.16 -19.93 -1.36
N THR C 105 -35.68 -21.16 -1.57
CA THR C 105 -36.30 -22.16 -2.44
C THR C 105 -36.67 -23.30 -1.51
N LYS C 106 -37.84 -23.91 -1.72
CA LYS C 106 -38.26 -24.99 -0.85
C LYS C 106 -38.36 -26.31 -1.58
N LEU C 107 -37.60 -27.29 -1.11
CA LEU C 107 -37.63 -28.62 -1.66
C LEU C 107 -38.57 -29.46 -0.77
N GLU C 108 -39.86 -29.45 -1.14
CA GLU C 108 -40.98 -30.15 -0.48
C GLU C 108 -41.48 -31.21 -1.44
N ILE C 109 -41.71 -32.44 -0.97
CA ILE C 109 -41.91 -33.54 -1.91
C ILE C 109 -42.82 -34.73 -1.61
N LYS C 110 -42.55 -35.79 -2.41
CA LYS C 110 -43.05 -37.15 -2.42
C LYS C 110 -41.82 -38.08 -2.28
N THR C 111 -41.80 -38.96 -1.29
CA THR C 111 -40.71 -39.95 -1.12
C THR C 111 -41.24 -41.24 -1.70
N GLY C 112 -42.22 -41.82 -1.03
CA GLY C 112 -42.91 -43.02 -1.47
C GLY C 112 -44.37 -42.76 -1.27
N SER C 113 -44.88 -43.38 -0.21
CA SER C 113 -46.22 -43.27 0.26
C SER C 113 -46.18 -42.18 1.35
N GLU C 114 -44.96 -41.85 1.76
CA GLU C 114 -44.61 -40.80 2.69
C GLU C 114 -44.31 -39.59 1.79
N ASN C 115 -45.01 -38.49 2.04
CA ASN C 115 -44.85 -37.23 1.30
C ASN C 115 -44.49 -36.14 2.28
N LEU C 116 -43.39 -35.41 2.03
CA LEU C 116 -42.89 -34.38 2.94
C LEU C 116 -43.03 -32.96 2.41
N TYR C 117 -44.21 -32.36 2.57
CA TYR C 117 -44.42 -31.00 2.06
C TYR C 117 -44.06 -29.90 3.06
N PHE C 118 -44.41 -28.67 2.69
CA PHE C 118 -44.15 -27.41 3.37
C PHE C 118 -45.28 -26.51 3.06
N GLN C 119 -45.74 -25.71 4.04
CA GLN C 119 -46.80 -24.72 3.85
C GLN C 119 -46.74 -23.68 4.96
#